data_5F8Q
#
_entry.id   5F8Q
#
_cell.length_a   51.034
_cell.length_b   132.138
_cell.length_c   123.485
_cell.angle_alpha   90.00
_cell.angle_beta   94.90
_cell.angle_gamma   90.00
#
_symmetry.space_group_name_H-M   'P 1 21 1'
#
loop_
_entity.id
_entity.type
_entity.pdbx_description
1 polymer 'Adhesin binding fucosylated histo-blood group antigen,Adhesin,Adhesin binding fucosylated histo-blood group antigen'
2 polymer 'Nanobody Nb-ER19'
3 water water
#
loop_
_entity_poly.entity_id
_entity_poly.type
_entity_poly.pdbx_seq_one_letter_code
_entity_poly.pdbx_strand_id
1 'polypeptide(L)'
;ASWSHPQFEKSGGGGGLVPRGSGIQDLSDNYENLSKLLTRYSTLNTLIKLSADPSAINAARENLGASAKNLIGDTKNSPA
YQAVLLAINAAVGFWNVLGYATQCGGNANGQESTSSTTIFNNEPGYRSTSITCSLNRYKPGYYGPMSIENFKKLNEAYQI
LQTALNKGLPALKENNGTVSVTYTYTCSGEGNDNCLPKVTGVDNQNGGTKTKTQTIDGKTVTTTISSKVVDSQAKGNTTR
VSYTEITNKLDGVPDSAQALLAQASTLINTINTACPYFSVTNKSGGPQMEPTRGKLCGFTEEISAIQKMITDAQELVNQT
SVINEHEQSTPVGGNNGKPFNPFTDASFAQGMLANASAQAKMLNLAHQVGQTINPDNLTGTFKNFVTGFLATCNNKSTAG
TSGTQGSPPGTVTTQTFASGCAYVEQTITNLNNSIAHFGTQEQQIQQAENIADTLVNFGSHHHHHH
;
A,B
2 'polypeptide(L)'
;QVQLQESGGGLVQPGGSLRLSCAASGSIFSGNVMGWYRQAPGKLREWVAAITPQGVPNYADSVKGRFTISRDNAKNMLYL
QMSSLKPEDTALYYCNRLPNYRSWGQGTQVTVSSHHHHHH
;
C,D
#
# COMPACT_ATOMS: atom_id res chain seq x y z
N ASN A 33 -0.54 -53.49 -16.46
CA ASN A 33 -1.63 -54.45 -16.87
C ASN A 33 -3.01 -54.37 -16.16
N LEU A 34 -4.10 -54.42 -16.92
CA LEU A 34 -5.43 -54.06 -16.38
C LEU A 34 -6.19 -55.16 -15.60
N SER A 35 -6.04 -56.43 -15.95
CA SER A 35 -6.61 -57.52 -15.13
C SER A 35 -6.10 -57.41 -13.67
N LYS A 36 -4.79 -57.23 -13.53
CA LYS A 36 -4.17 -57.14 -12.21
C LYS A 36 -4.67 -55.91 -11.46
N LEU A 37 -5.10 -54.91 -12.20
CA LEU A 37 -5.60 -53.71 -11.61
C LEU A 37 -7.06 -53.81 -11.14
N LEU A 38 -7.89 -54.49 -11.91
CA LEU A 38 -9.30 -54.67 -11.57
C LEU A 38 -9.50 -55.74 -10.49
N THR A 39 -8.47 -56.54 -10.26
CA THR A 39 -8.35 -57.27 -9.01
C THR A 39 -8.41 -56.27 -7.84
N ARG A 40 -7.33 -55.52 -7.61
CA ARG A 40 -7.26 -54.59 -6.49
C ARG A 40 -8.49 -53.67 -6.30
N TYR A 41 -9.12 -53.22 -7.39
CA TYR A 41 -10.20 -52.25 -7.29
C TYR A 41 -11.43 -52.76 -7.97
N SER A 42 -12.26 -53.50 -7.25
CA SER A 42 -13.47 -54.08 -7.86
C SER A 42 -14.41 -53.00 -8.37
N THR A 43 -14.47 -51.87 -7.68
CA THR A 43 -15.45 -50.87 -8.05
C THR A 43 -15.13 -50.29 -9.42
N LEU A 44 -13.86 -50.31 -9.81
CA LEU A 44 -13.49 -49.74 -11.11
C LEU A 44 -13.92 -50.61 -12.28
N ASN A 45 -13.94 -51.91 -12.04
CA ASN A 45 -14.49 -52.81 -13.01
C ASN A 45 -15.97 -52.52 -13.19
N THR A 46 -16.69 -52.32 -12.11
CA THR A 46 -18.10 -52.05 -12.21
C THR A 46 -18.26 -50.72 -12.98
N LEU A 47 -17.40 -49.78 -12.70
CA LEU A 47 -17.50 -48.48 -13.32
C LEU A 47 -17.31 -48.54 -14.82
N ILE A 48 -16.52 -49.48 -15.28
CA ILE A 48 -16.21 -49.57 -16.67
C ILE A 48 -17.35 -50.24 -17.39
N LYS A 49 -17.90 -51.30 -16.79
CA LYS A 49 -19.16 -51.91 -17.27
C LYS A 49 -20.27 -50.86 -17.46
N LEU A 50 -20.47 -50.00 -16.47
CA LEU A 50 -21.52 -49.02 -16.52
C LEU A 50 -21.31 -48.01 -17.66
N SER A 51 -20.07 -47.59 -17.80
CA SER A 51 -19.66 -46.61 -18.79
C SER A 51 -19.83 -47.00 -20.22
N ALA A 52 -19.97 -48.29 -20.46
CA ALA A 52 -20.12 -48.79 -21.80
C ALA A 52 -21.54 -49.24 -22.07
N ASP A 53 -22.44 -48.90 -21.16
CA ASP A 53 -23.79 -49.36 -21.25
C ASP A 53 -24.71 -48.12 -21.31
N PRO A 54 -25.36 -47.87 -22.44
CA PRO A 54 -26.18 -46.66 -22.52
C PRO A 54 -27.33 -46.63 -21.51
N SER A 55 -27.90 -47.80 -21.19
CA SER A 55 -28.99 -47.85 -20.24
C SER A 55 -28.53 -47.28 -18.89
N ALA A 56 -27.31 -47.63 -18.44
CA ALA A 56 -26.73 -47.07 -17.18
C ALA A 56 -26.32 -45.60 -17.28
N ILE A 57 -25.79 -45.19 -18.42
CA ILE A 57 -25.42 -43.80 -18.61
C ILE A 57 -26.68 -42.95 -18.57
N ASN A 58 -27.73 -43.43 -19.24
CA ASN A 58 -28.99 -42.67 -19.29
C ASN A 58 -29.63 -42.58 -17.90
N ALA A 59 -29.52 -43.65 -17.12
CA ALA A 59 -29.98 -43.68 -15.74
C ALA A 59 -29.22 -42.64 -14.93
N ALA A 60 -27.92 -42.51 -15.17
CA ALA A 60 -27.15 -41.48 -14.44
C ALA A 60 -27.58 -40.09 -14.85
N ARG A 61 -27.88 -39.90 -16.11
CA ARG A 61 -28.33 -38.58 -16.56
C ARG A 61 -29.72 -38.22 -16.03
N GLU A 62 -30.63 -39.18 -15.95
CA GLU A 62 -31.91 -38.97 -15.24
C GLU A 62 -31.64 -38.55 -13.82
N ASN A 63 -30.82 -39.30 -13.10
CA ASN A 63 -30.47 -38.92 -11.73
C ASN A 63 -29.97 -37.48 -11.62
N LEU A 64 -29.13 -37.09 -12.56
CA LEU A 64 -28.64 -35.72 -12.61
C LEU A 64 -29.76 -34.68 -12.77
N GLY A 65 -30.79 -34.98 -13.54
CA GLY A 65 -31.92 -34.06 -13.67
C GLY A 65 -32.66 -33.95 -12.36
N ALA A 66 -32.85 -35.10 -11.71
CA ALA A 66 -33.61 -35.15 -10.47
C ALA A 66 -32.89 -34.43 -9.36
N SER A 67 -31.57 -34.59 -9.27
CA SER A 67 -30.77 -33.93 -8.24
C SER A 67 -30.60 -32.41 -8.50
N ALA A 68 -30.53 -32.04 -9.78
CA ALA A 68 -30.59 -30.64 -10.16
C ALA A 68 -31.92 -30.01 -9.67
N LYS A 69 -33.08 -30.56 -10.05
CA LYS A 69 -34.36 -30.10 -9.49
C LYS A 69 -34.26 -29.98 -7.94
N ASN A 70 -33.74 -31.00 -7.26
CA ASN A 70 -33.55 -30.94 -5.82
C ASN A 70 -32.77 -29.68 -5.44
N LEU A 71 -31.66 -29.42 -6.11
CA LEU A 71 -30.80 -28.33 -5.69
C LEU A 71 -31.36 -26.94 -6.05
N ILE A 72 -31.65 -26.72 -7.33
CA ILE A 72 -31.99 -25.41 -7.82
C ILE A 72 -33.48 -25.18 -7.91
N GLY A 73 -34.26 -26.22 -7.72
CA GLY A 73 -35.70 -26.09 -7.86
C GLY A 73 -36.50 -26.21 -6.57
N ASP A 74 -35.91 -26.77 -5.54
CA ASP A 74 -36.59 -26.83 -4.27
C ASP A 74 -36.05 -25.75 -3.33
N THR A 75 -36.76 -25.62 -2.23
CA THR A 75 -36.40 -24.76 -1.15
C THR A 75 -36.06 -25.59 0.14
N LYS A 76 -37.06 -26.06 0.88
CA LYS A 76 -36.82 -26.75 2.13
C LYS A 76 -35.74 -27.83 1.97
N ASN A 77 -35.90 -28.68 0.98
CA ASN A 77 -35.04 -29.86 0.82
C ASN A 77 -33.73 -29.61 0.16
N SER A 78 -33.44 -28.39 -0.23
CA SER A 78 -32.20 -28.08 -0.91
C SER A 78 -31.13 -27.56 0.02
N PRO A 79 -30.02 -28.28 0.12
CA PRO A 79 -28.90 -27.76 0.86
C PRO A 79 -28.42 -26.43 0.33
N ALA A 80 -28.46 -26.28 -0.98
CA ALA A 80 -28.04 -25.05 -1.64
C ALA A 80 -28.91 -23.84 -1.23
N TYR A 81 -30.21 -24.00 -1.30
CA TYR A 81 -31.11 -22.98 -0.80
C TYR A 81 -30.86 -22.64 0.69
N GLN A 82 -30.69 -23.64 1.53
CA GLN A 82 -30.48 -23.40 2.95
C GLN A 82 -29.15 -22.68 3.22
N ALA A 83 -28.10 -23.02 2.47
CA ALA A 83 -26.81 -22.38 2.68
C ALA A 83 -26.82 -20.90 2.26
N VAL A 84 -27.62 -20.58 1.26
CA VAL A 84 -27.81 -19.20 0.81
C VAL A 84 -28.63 -18.40 1.80
N LEU A 85 -29.75 -18.97 2.22
CA LEU A 85 -30.59 -18.37 3.23
C LEU A 85 -29.74 -18.16 4.44
N LEU A 86 -28.84 -19.09 4.75
CA LEU A 86 -28.06 -18.95 5.98
C LEU A 86 -27.05 -17.78 5.92
N ALA A 87 -26.39 -17.62 4.79
CA ALA A 87 -25.42 -16.55 4.63
C ALA A 87 -26.07 -15.19 4.75
N ILE A 88 -27.19 -15.07 4.10
CA ILE A 88 -27.99 -13.85 4.16
C ILE A 88 -28.44 -13.56 5.60
N ASN A 89 -28.93 -14.57 6.28
CA ASN A 89 -29.40 -14.35 7.63
C ASN A 89 -28.25 -14.00 8.59
N ALA A 90 -27.06 -14.52 8.38
CA ALA A 90 -25.97 -14.19 9.26
C ALA A 90 -25.64 -12.71 9.11
N ALA A 91 -25.66 -12.19 7.89
CA ALA A 91 -25.40 -10.77 7.69
C ALA A 91 -26.45 -9.91 8.36
N VAL A 92 -27.70 -10.27 8.18
CA VAL A 92 -28.80 -9.51 8.77
C VAL A 92 -28.72 -9.57 10.26
N GLY A 93 -28.59 -10.76 10.79
CA GLY A 93 -28.49 -10.95 12.23
C GLY A 93 -27.29 -10.21 12.82
N PHE A 94 -26.23 -10.07 12.05
CA PHE A 94 -25.08 -9.35 12.57
C PHE A 94 -25.50 -7.92 12.97
N TRP A 95 -26.29 -7.28 12.12
CA TRP A 95 -26.70 -5.93 12.38
C TRP A 95 -27.83 -5.83 13.43
N ASN A 96 -28.70 -6.81 13.50
CA ASN A 96 -29.69 -6.80 14.55
C ASN A 96 -29.01 -6.94 15.93
N VAL A 97 -27.82 -7.56 16.01
CA VAL A 97 -27.08 -7.63 17.28
C VAL A 97 -26.44 -6.29 17.63
N LEU A 98 -25.83 -5.61 16.67
CA LEU A 98 -24.97 -4.45 16.96
C LEU A 98 -25.51 -3.07 16.50
N GLY A 99 -26.47 -3.05 15.59
CA GLY A 99 -27.02 -1.77 15.11
C GLY A 99 -27.33 -0.80 16.25
N TYR A 100 -28.10 -1.24 17.23
CA TYR A 100 -28.49 -0.35 18.29
C TYR A 100 -27.33 0.33 19.03
N ALA A 101 -26.16 -0.28 19.02
CA ALA A 101 -25.05 0.24 19.81
C ALA A 101 -24.16 1.15 19.00
N THR A 102 -24.50 1.38 17.75
CA THR A 102 -23.56 1.92 16.79
C THR A 102 -23.80 3.39 16.66
N GLN A 103 -22.77 4.21 16.69
CA GLN A 103 -22.93 5.67 16.59
C GLN A 103 -23.09 6.05 15.12
N CYS A 104 -23.84 7.10 14.86
CA CYS A 104 -23.86 7.73 13.55
C CYS A 104 -24.32 9.16 13.68
N GLY A 105 -24.06 9.97 12.66
CA GLY A 105 -24.40 11.34 12.71
C GLY A 105 -23.69 12.17 11.67
N GLY A 106 -23.68 13.48 11.92
CA GLY A 106 -23.22 14.43 10.95
C GLY A 106 -24.18 14.68 9.80
N ASN A 107 -23.63 15.32 8.78
CA ASN A 107 -24.34 15.82 7.66
C ASN A 107 -24.00 15.02 6.40
N ALA A 108 -24.42 15.58 5.25
CA ALA A 108 -24.59 14.87 3.98
C ALA A 108 -23.31 14.59 3.21
N ASN A 109 -22.27 15.31 3.54
CA ASN A 109 -20.97 15.16 2.86
C ASN A 109 -20.07 14.22 3.64
N GLY A 110 -20.61 13.51 4.63
CA GLY A 110 -19.82 12.87 5.66
C GLY A 110 -19.11 13.79 6.64
N GLN A 111 -19.51 15.04 6.75
CA GLN A 111 -18.87 15.98 7.69
C GLN A 111 -19.62 16.12 9.04
N GLU A 112 -18.93 16.62 10.05
CA GLU A 112 -19.57 16.91 11.35
C GLU A 112 -20.81 17.80 11.23
N SER A 113 -21.80 17.53 12.04
CA SER A 113 -22.94 18.40 12.17
C SER A 113 -22.89 19.17 13.50
N THR A 114 -23.51 20.35 13.57
CA THR A 114 -23.69 21.05 14.83
C THR A 114 -24.85 20.48 15.61
N SER A 115 -25.96 20.20 14.94
CA SER A 115 -27.18 19.79 15.64
C SER A 115 -28.18 19.04 14.77
N SER A 116 -27.73 17.88 14.24
CA SER A 116 -28.55 17.03 13.38
C SER A 116 -29.00 15.75 14.02
N THR A 117 -30.28 15.45 13.93
CA THR A 117 -30.87 14.19 14.36
C THR A 117 -31.54 13.61 13.14
N THR A 118 -31.11 12.42 12.74
CA THR A 118 -31.61 11.74 11.55
C THR A 118 -32.03 10.33 11.97
N ILE A 119 -33.30 10.00 11.80
CA ILE A 119 -33.81 8.78 12.35
C ILE A 119 -34.25 7.86 11.25
N PHE A 120 -33.72 6.64 11.26
CA PHE A 120 -34.08 5.66 10.26
C PHE A 120 -35.07 4.65 10.79
N ASN A 121 -36.19 4.51 10.09
CA ASN A 121 -37.26 3.65 10.59
C ASN A 121 -37.09 2.18 10.18
N ASN A 122 -37.84 1.35 10.88
CA ASN A 122 -37.73 -0.08 10.71
C ASN A 122 -36.29 -0.51 10.76
N GLU A 123 -35.59 -0.08 11.82
CA GLU A 123 -34.19 -0.47 12.16
C GLU A 123 -34.13 -0.85 13.64
N PRO A 124 -33.24 -1.77 14.01
CA PRO A 124 -33.30 -2.36 15.34
C PRO A 124 -32.53 -1.59 16.40
N GLY A 125 -33.19 -0.55 16.90
CA GLY A 125 -32.61 0.41 17.83
C GLY A 125 -32.87 0.02 19.26
N TYR A 126 -32.25 0.76 20.18
CA TYR A 126 -32.43 0.47 21.59
C TYR A 126 -33.89 0.68 21.89
N ARG A 127 -34.57 -0.40 22.26
CA ARG A 127 -35.98 -0.35 22.70
C ARG A 127 -36.86 0.43 21.75
N SER A 128 -36.67 0.16 20.48
CA SER A 128 -37.25 1.00 19.45
C SER A 128 -37.10 0.35 18.09
N THR A 129 -38.08 0.61 17.21
CA THR A 129 -38.04 0.14 15.83
C THR A 129 -37.40 1.15 14.92
N SER A 130 -36.67 2.10 15.48
CA SER A 130 -35.85 3.04 14.70
C SER A 130 -34.44 3.22 15.27
N ILE A 131 -33.52 3.67 14.42
CA ILE A 131 -32.17 3.97 14.85
C ILE A 131 -31.95 5.39 14.59
N THR A 132 -31.34 6.04 15.56
CA THR A 132 -31.22 7.48 15.60
C THR A 132 -29.76 7.85 15.50
N CYS A 133 -29.46 8.63 14.48
CA CYS A 133 -28.13 9.13 14.22
C CYS A 133 -28.08 10.57 14.65
N SER A 134 -27.61 10.80 15.87
CA SER A 134 -27.64 12.16 16.41
C SER A 134 -26.37 12.50 17.13
N LEU A 135 -25.23 12.01 16.64
CA LEU A 135 -23.93 12.36 17.19
C LEU A 135 -23.26 13.51 16.44
N ASN A 136 -23.17 14.64 17.14
CA ASN A 136 -22.70 15.88 16.57
C ASN A 136 -21.25 16.13 16.86
N ARG A 137 -20.67 17.05 16.10
CA ARG A 137 -19.34 17.58 16.32
C ARG A 137 -18.26 16.60 15.92
N TYR A 138 -18.37 15.33 16.28
CA TYR A 138 -17.35 14.37 15.91
C TYR A 138 -17.37 14.12 14.41
N LYS A 139 -16.19 14.07 13.80
CA LYS A 139 -16.08 13.73 12.40
C LYS A 139 -16.48 12.26 12.16
N PRO A 140 -17.46 12.04 11.26
CA PRO A 140 -17.80 10.70 10.80
C PRO A 140 -16.61 10.04 10.20
N GLY A 141 -16.45 8.75 10.44
CA GLY A 141 -15.23 8.07 10.07
C GLY A 141 -14.94 6.90 10.96
N TYR A 142 -13.72 6.42 10.81
CA TYR A 142 -13.26 5.19 11.40
C TYR A 142 -13.16 5.37 12.93
N TYR A 143 -13.77 4.45 13.66
CA TYR A 143 -13.83 4.56 15.13
C TYR A 143 -14.50 5.89 15.46
N GLY A 144 -15.41 6.30 14.60
CA GLY A 144 -16.20 7.47 14.82
C GLY A 144 -17.62 7.11 14.49
N PRO A 145 -18.45 8.12 14.35
CA PRO A 145 -19.76 7.85 13.90
C PRO A 145 -19.80 7.42 12.42
N MET A 146 -20.76 6.53 12.11
CA MET A 146 -21.05 6.22 10.71
C MET A 146 -21.69 7.44 10.07
N SER A 147 -21.18 7.79 8.88
CA SER A 147 -21.74 8.87 8.09
C SER A 147 -23.17 8.49 7.73
N ILE A 148 -23.97 9.51 7.47
CA ILE A 148 -25.31 9.30 6.98
C ILE A 148 -25.26 8.71 5.56
N GLU A 149 -24.26 9.08 4.75
CA GLU A 149 -24.06 8.45 3.45
C GLU A 149 -23.95 6.93 3.60
N ASN A 150 -23.15 6.47 4.57
CA ASN A 150 -22.96 5.05 4.78
C ASN A 150 -24.18 4.41 5.38
N PHE A 151 -24.81 5.10 6.34
CA PHE A 151 -25.99 4.55 6.94
C PHE A 151 -27.13 4.40 5.89
N LYS A 152 -27.26 5.32 4.95
CA LYS A 152 -28.26 5.15 3.89
C LYS A 152 -27.98 3.90 3.03
N LYS A 153 -26.71 3.62 2.68
CA LYS A 153 -26.36 2.40 1.93
C LYS A 153 -26.69 1.20 2.77
N LEU A 154 -26.27 1.24 4.01
CA LEU A 154 -26.51 0.13 4.88
C LEU A 154 -28.00 -0.13 5.00
N ASN A 155 -28.71 0.92 5.36
CA ASN A 155 -30.15 0.84 5.54
C ASN A 155 -30.91 0.31 4.32
N GLU A 156 -30.58 0.81 3.13
CA GLU A 156 -31.30 0.35 1.93
C GLU A 156 -31.13 -1.16 1.78
N ALA A 157 -29.90 -1.63 1.87
CA ALA A 157 -29.65 -3.06 1.79
C ALA A 157 -30.44 -3.81 2.86
N TYR A 158 -30.52 -3.25 4.05
CA TYR A 158 -31.20 -3.95 5.14
C TYR A 158 -32.70 -4.02 4.86
N GLN A 159 -33.29 -2.94 4.35
CA GLN A 159 -34.72 -2.94 4.17
C GLN A 159 -35.07 -3.93 3.10
N ILE A 160 -34.23 -4.03 2.09
CA ILE A 160 -34.49 -4.98 0.99
C ILE A 160 -34.42 -6.42 1.47
N LEU A 161 -33.36 -6.72 2.19
CA LEU A 161 -33.17 -8.06 2.74
C LEU A 161 -34.29 -8.48 3.70
N GLN A 162 -34.69 -7.59 4.59
CA GLN A 162 -35.74 -7.95 5.53
C GLN A 162 -37.09 -8.11 4.82
N THR A 163 -37.30 -7.39 3.72
CA THR A 163 -38.54 -7.57 2.96
C THR A 163 -38.51 -8.90 2.22
N ALA A 164 -37.40 -9.23 1.58
CA ALA A 164 -37.28 -10.53 0.86
C ALA A 164 -37.46 -11.73 1.80
N LEU A 165 -36.71 -11.73 2.90
CA LEU A 165 -36.79 -12.78 3.90
C LEU A 165 -38.19 -12.95 4.44
N ASN A 166 -38.87 -11.85 4.67
CA ASN A 166 -40.27 -11.89 5.06
C ASN A 166 -41.20 -12.55 4.02
N LYS A 167 -41.03 -12.24 2.74
CA LYS A 167 -41.85 -12.83 1.70
C LYS A 167 -41.48 -14.30 1.49
N GLY A 168 -40.18 -14.60 1.56
CA GLY A 168 -39.64 -15.94 1.29
C GLY A 168 -38.71 -15.81 0.10
N LEU A 169 -37.56 -16.45 0.18
CA LEU A 169 -36.63 -16.46 -0.94
C LEU A 169 -37.08 -17.50 -1.93
N PRO A 170 -37.00 -17.19 -3.22
CA PRO A 170 -37.38 -18.23 -4.16
C PRO A 170 -36.30 -19.30 -4.29
N ALA A 171 -36.65 -20.40 -4.94
CA ALA A 171 -35.66 -21.41 -5.26
C ALA A 171 -34.55 -20.77 -6.08
N LEU A 172 -33.37 -21.37 -6.07
CA LEU A 172 -32.21 -20.73 -6.76
C LEU A 172 -32.40 -20.51 -8.25
N LYS A 173 -33.16 -21.39 -8.88
CA LYS A 173 -33.36 -21.28 -10.31
C LYS A 173 -34.25 -20.14 -10.67
N GLU A 174 -34.95 -19.51 -9.73
CA GLU A 174 -35.87 -18.42 -10.08
C GLU A 174 -35.18 -17.08 -10.03
N ASN A 175 -34.70 -16.62 -11.17
CA ASN A 175 -33.97 -15.39 -11.27
C ASN A 175 -34.81 -14.19 -11.78
N ASN A 176 -36.14 -14.30 -11.90
CA ASN A 176 -36.94 -13.11 -12.29
C ASN A 176 -38.00 -12.64 -11.29
N GLY A 177 -37.99 -13.13 -10.08
CA GLY A 177 -38.86 -12.56 -9.07
C GLY A 177 -38.37 -11.18 -8.71
N THR A 178 -39.30 -10.35 -8.26
CA THR A 178 -38.97 -9.04 -7.71
C THR A 178 -39.73 -8.88 -6.40
N VAL A 179 -39.47 -7.78 -5.70
CA VAL A 179 -40.20 -7.45 -4.51
C VAL A 179 -40.30 -5.94 -4.36
N SER A 180 -41.31 -5.50 -3.63
CA SER A 180 -41.51 -4.08 -3.45
C SER A 180 -41.09 -3.68 -2.05
N VAL A 181 -40.27 -2.64 -1.94
CA VAL A 181 -39.69 -2.22 -0.65
C VAL A 181 -39.95 -0.75 -0.36
N THR A 182 -40.41 -0.48 0.87
CA THR A 182 -40.74 0.88 1.32
C THR A 182 -40.09 1.21 2.64
N TYR A 183 -39.51 2.40 2.75
CA TYR A 183 -38.85 2.78 3.98
C TYR A 183 -38.73 4.25 4.13
N THR A 184 -38.67 4.70 5.38
CA THR A 184 -38.74 6.13 5.68
C THR A 184 -37.62 6.53 6.61
N TYR A 185 -37.13 7.77 6.49
CA TYR A 185 -36.31 8.37 7.53
C TYR A 185 -36.69 9.84 7.75
N THR A 186 -36.34 10.40 8.91
CA THR A 186 -36.65 11.77 9.23
C THR A 186 -35.42 12.57 9.64
N CYS A 187 -35.44 13.87 9.34
CA CYS A 187 -34.38 14.80 9.68
C CYS A 187 -34.94 15.96 10.48
N SER A 188 -34.24 16.32 11.56
CA SER A 188 -34.54 17.52 12.32
C SER A 188 -33.29 18.15 12.86
N GLY A 189 -33.46 19.34 13.42
CA GLY A 189 -32.39 20.07 14.04
C GLY A 189 -31.84 21.10 13.09
N GLU A 190 -31.42 22.25 13.61
CA GLU A 190 -30.96 23.35 12.77
C GLU A 190 -29.76 22.91 11.97
N GLY A 191 -29.76 23.19 10.68
CA GLY A 191 -28.63 22.92 9.82
C GLY A 191 -28.57 21.52 9.24
N ASN A 192 -29.56 20.67 9.54
CA ASN A 192 -29.53 19.31 9.09
C ASN A 192 -29.85 19.28 7.59
N ASP A 193 -28.87 18.91 6.78
CA ASP A 193 -29.02 18.88 5.33
C ASP A 193 -29.22 17.46 4.74
N ASN A 194 -29.52 16.47 5.58
CA ASN A 194 -29.76 15.10 5.08
C ASN A 194 -31.10 14.82 4.37
N CYS A 195 -32.04 15.77 4.43
CA CYS A 195 -33.34 15.63 3.82
C CYS A 195 -33.65 16.73 2.82
N LEU A 196 -32.67 17.55 2.52
CA LEU A 196 -32.79 18.67 1.58
C LEU A 196 -32.85 18.27 0.09
N PRO A 197 -33.59 19.02 -0.75
CA PRO A 197 -33.60 18.75 -2.19
C PRO A 197 -32.28 18.36 -2.79
N LYS A 198 -31.23 19.13 -2.54
CA LYS A 198 -29.88 18.81 -3.03
C LYS A 198 -29.51 17.31 -2.87
N VAL A 199 -29.74 16.74 -1.68
CA VAL A 199 -29.40 15.33 -1.36
C VAL A 199 -30.43 14.29 -1.81
N THR A 200 -31.67 14.69 -1.66
CA THR A 200 -32.77 13.81 -1.82
C THR A 200 -33.12 13.69 -3.33
N GLY A 201 -32.84 14.72 -4.10
CA GLY A 201 -33.08 14.70 -5.55
C GLY A 201 -34.42 15.31 -5.89
N VAL A 202 -35.26 15.47 -4.87
CA VAL A 202 -36.60 16.03 -4.98
C VAL A 202 -36.56 17.51 -5.34
N ASP A 203 -37.46 17.98 -6.19
CA ASP A 203 -37.56 19.44 -6.41
C ASP A 203 -38.04 20.22 -5.19
N ASN A 204 -39.29 19.97 -4.79
CA ASN A 204 -39.88 20.63 -3.64
C ASN A 204 -39.69 19.86 -2.30
N GLN A 205 -39.03 20.45 -1.32
CA GLN A 205 -38.90 19.78 -0.03
C GLN A 205 -40.24 19.38 0.64
N ASN A 206 -41.34 20.05 0.33
CA ASN A 206 -42.62 19.69 0.95
C ASN A 206 -43.69 19.27 -0.07
N GLY A 207 -43.77 17.95 -0.30
CA GLY A 207 -44.72 17.36 -1.23
C GLY A 207 -44.14 17.05 -2.60
N GLY A 208 -42.83 17.30 -2.76
CA GLY A 208 -42.12 16.98 -4.00
C GLY A 208 -41.87 15.49 -4.13
N THR A 209 -41.59 15.02 -5.35
CA THR A 209 -41.28 13.60 -5.54
C THR A 209 -40.21 13.55 -6.60
N LYS A 210 -39.61 12.39 -6.74
CA LYS A 210 -38.72 12.12 -7.84
C LYS A 210 -38.74 10.63 -8.15
N THR A 211 -38.87 10.28 -9.42
CA THR A 211 -38.70 8.90 -9.83
C THR A 211 -37.36 8.75 -10.53
N LYS A 212 -36.53 7.82 -10.06
CA LYS A 212 -35.31 7.46 -10.81
C LYS A 212 -35.23 5.97 -10.96
N THR A 213 -34.59 5.53 -12.03
CA THR A 213 -34.45 4.13 -12.34
C THR A 213 -33.02 3.74 -12.13
N GLN A 214 -32.77 2.45 -12.15
CA GLN A 214 -31.42 1.97 -12.05
C GLN A 214 -31.35 0.54 -12.56
N THR A 215 -30.24 0.16 -13.20
CA THR A 215 -30.17 -1.19 -13.79
C THR A 215 -29.25 -2.15 -12.98
N ILE A 216 -29.88 -2.91 -12.09
CA ILE A 216 -29.27 -3.93 -11.23
C ILE A 216 -29.71 -5.33 -11.69
N ASP A 217 -28.78 -6.31 -11.69
CA ASP A 217 -29.10 -7.71 -12.09
C ASP A 217 -29.61 -7.79 -13.57
N GLY A 218 -29.24 -6.82 -14.41
CA GLY A 218 -29.81 -6.73 -15.76
C GLY A 218 -31.29 -6.36 -15.69
N LYS A 219 -31.76 -5.90 -14.54
CA LYS A 219 -33.17 -5.59 -14.33
C LYS A 219 -33.38 -4.12 -13.92
N THR A 220 -34.38 -3.47 -14.53
CA THR A 220 -34.69 -2.06 -14.21
C THR A 220 -35.47 -1.95 -12.88
N VAL A 221 -34.92 -1.20 -11.94
CA VAL A 221 -35.52 -1.03 -10.63
C VAL A 221 -35.93 0.42 -10.43
N THR A 222 -37.24 0.66 -10.34
CA THR A 222 -37.75 2.01 -10.18
C THR A 222 -37.79 2.43 -8.72
N THR A 223 -37.34 3.65 -8.45
CA THR A 223 -37.38 4.22 -7.10
C THR A 223 -38.25 5.48 -7.11
N THR A 224 -39.16 5.58 -6.15
CA THR A 224 -39.95 6.79 -5.97
C THR A 224 -39.64 7.41 -4.62
N ILE A 225 -39.22 8.67 -4.66
CA ILE A 225 -38.77 9.40 -3.52
C ILE A 225 -39.73 10.54 -3.30
N SER A 226 -40.25 10.69 -2.09
CA SER A 226 -41.18 11.76 -1.81
C SER A 226 -40.92 12.38 -0.44
N SER A 227 -41.03 13.71 -0.37
CA SER A 227 -40.61 14.48 0.78
C SER A 227 -41.86 15.13 1.32
N LYS A 228 -41.80 15.54 2.59
CA LYS A 228 -42.96 16.05 3.28
C LYS A 228 -42.49 16.69 4.61
N VAL A 229 -42.96 17.89 4.90
CA VAL A 229 -42.55 18.61 6.11
C VAL A 229 -43.71 18.72 7.11
N VAL A 230 -43.46 18.26 8.33
CA VAL A 230 -44.34 18.38 9.47
C VAL A 230 -43.74 19.45 10.36
N ASP A 231 -44.55 20.42 10.77
CA ASP A 231 -44.07 21.56 11.55
C ASP A 231 -44.00 21.21 13.02
N SER A 232 -43.09 21.86 13.72
CA SER A 232 -43.08 21.95 15.20
C SER A 232 -44.50 21.95 15.85
N GLN A 233 -45.35 22.90 15.46
CA GLN A 233 -46.75 22.92 15.96
C GLN A 233 -47.73 22.43 14.90
N ALA A 234 -47.87 21.12 14.77
CA ALA A 234 -48.79 20.59 13.79
C ALA A 234 -49.39 19.30 14.30
N LYS A 235 -50.68 19.37 14.62
CA LYS A 235 -51.57 18.22 14.80
C LYS A 235 -50.97 16.80 14.82
N GLY A 236 -50.73 16.27 16.02
CA GLY A 236 -50.34 14.85 16.21
C GLY A 236 -48.85 14.65 16.18
N ASN A 237 -48.10 15.70 16.56
CA ASN A 237 -46.64 15.73 16.50
C ASN A 237 -45.98 15.66 17.88
N THR A 238 -45.80 14.43 18.36
CA THR A 238 -45.13 14.15 19.65
C THR A 238 -43.84 14.95 19.76
N THR A 239 -42.83 14.52 18.98
CA THR A 239 -41.56 15.23 18.90
C THR A 239 -41.94 16.70 18.88
N ARG A 240 -41.63 17.43 19.94
CA ARG A 240 -42.04 18.83 19.98
C ARG A 240 -41.60 19.63 18.74
N VAL A 241 -40.67 19.09 17.93
CA VAL A 241 -39.94 19.86 16.89
C VAL A 241 -40.29 19.57 15.41
N SER A 242 -39.97 20.56 14.59
CA SER A 242 -40.11 20.54 13.15
C SER A 242 -39.23 19.47 12.49
N TYR A 243 -39.76 18.80 11.47
CA TYR A 243 -38.96 17.80 10.75
C TYR A 243 -39.38 17.54 9.30
N THR A 244 -38.52 16.84 8.57
CA THR A 244 -38.76 16.45 7.19
C THR A 244 -38.76 14.92 7.11
N GLU A 245 -39.72 14.34 6.39
CA GLU A 245 -39.79 12.88 6.29
C GLU A 245 -39.58 12.46 4.86
N ILE A 246 -38.66 11.52 4.65
CA ILE A 246 -38.38 11.04 3.31
C ILE A 246 -38.85 9.62 3.16
N THR A 247 -39.59 9.36 2.08
CA THR A 247 -40.11 8.03 1.74
C THR A 247 -39.41 7.54 0.48
N ASN A 248 -38.95 6.31 0.50
CA ASN A 248 -38.41 5.68 -0.68
C ASN A 248 -39.21 4.44 -0.98
N LYS A 249 -39.74 4.38 -2.21
CA LYS A 249 -40.50 3.22 -2.66
C LYS A 249 -39.78 2.62 -3.86
N LEU A 250 -39.33 1.39 -3.72
CA LEU A 250 -38.57 0.68 -4.76
C LEU A 250 -39.40 -0.45 -5.31
N ASP A 251 -39.69 -0.44 -6.62
CA ASP A 251 -40.45 -1.53 -7.27
C ASP A 251 -39.53 -2.30 -8.19
N GLY A 252 -39.81 -3.58 -8.41
CA GLY A 252 -38.98 -4.33 -9.34
C GLY A 252 -37.63 -4.74 -8.83
N VAL A 253 -37.46 -4.72 -7.50
CA VAL A 253 -36.18 -5.11 -6.90
C VAL A 253 -35.98 -6.59 -6.96
N PRO A 254 -34.91 -7.04 -7.62
CA PRO A 254 -34.72 -8.47 -7.87
C PRO A 254 -34.54 -9.22 -6.60
N ASP A 255 -35.28 -10.32 -6.44
CA ASP A 255 -35.16 -11.12 -5.22
C ASP A 255 -34.41 -12.45 -5.46
N SER A 256 -33.69 -12.56 -6.57
CA SER A 256 -32.91 -13.74 -6.81
C SER A 256 -31.82 -13.90 -5.72
N ALA A 257 -31.30 -15.11 -5.56
CA ALA A 257 -30.21 -15.33 -4.68
C ALA A 257 -29.00 -14.50 -5.00
N GLN A 258 -28.59 -14.41 -6.25
CA GLN A 258 -27.42 -13.61 -6.59
C GLN A 258 -27.67 -12.16 -6.13
N ALA A 259 -28.87 -11.63 -6.39
CA ALA A 259 -29.15 -10.22 -6.01
C ALA A 259 -29.15 -9.98 -4.52
N LEU A 260 -29.87 -10.82 -3.78
CA LEU A 260 -29.91 -10.72 -2.33
C LEU A 260 -28.53 -10.92 -1.68
N LEU A 261 -27.71 -11.82 -2.22
CA LEU A 261 -26.35 -11.93 -1.74
C LEU A 261 -25.57 -10.64 -1.98
N ALA A 262 -25.82 -9.96 -3.08
CA ALA A 262 -25.11 -8.72 -3.32
C ALA A 262 -25.56 -7.68 -2.27
N GLN A 263 -26.81 -7.75 -1.88
CA GLN A 263 -27.29 -6.89 -0.83
C GLN A 263 -26.64 -7.19 0.52
N ALA A 264 -26.58 -8.45 0.94
CA ALA A 264 -25.84 -8.76 2.17
C ALA A 264 -24.36 -8.38 2.11
N SER A 265 -23.75 -8.51 0.94
CA SER A 265 -22.39 -8.07 0.83
C SER A 265 -22.27 -6.56 1.15
N THR A 266 -23.12 -5.74 0.54
CA THR A 266 -23.12 -4.31 0.78
C THR A 266 -23.31 -3.99 2.27
N LEU A 267 -24.15 -4.76 2.93
CA LEU A 267 -24.43 -4.54 4.33
C LEU A 267 -23.20 -4.75 5.17
N ILE A 268 -22.59 -5.91 5.03
CA ILE A 268 -21.52 -6.27 5.91
C ILE A 268 -20.26 -5.52 5.52
N ASN A 269 -20.08 -5.25 4.24
CA ASN A 269 -18.92 -4.46 3.81
C ASN A 269 -19.04 -2.98 4.13
N THR A 270 -20.25 -2.45 4.09
CA THR A 270 -20.43 -1.08 4.46
C THR A 270 -20.05 -0.89 5.93
N ILE A 271 -20.48 -1.81 6.78
CA ILE A 271 -20.15 -1.83 8.21
C ILE A 271 -18.67 -1.99 8.46
N ASN A 272 -18.08 -2.95 7.77
CA ASN A 272 -16.69 -3.22 7.99
C ASN A 272 -15.76 -2.11 7.52
N THR A 273 -16.12 -1.45 6.42
CA THR A 273 -15.33 -0.36 5.83
C THR A 273 -15.55 0.94 6.60
N ALA A 274 -16.79 1.24 6.98
CA ALA A 274 -17.05 2.44 7.75
C ALA A 274 -16.53 2.25 9.16
N CYS A 275 -16.57 1.02 9.64
CA CYS A 275 -15.97 0.66 10.92
C CYS A 275 -16.24 1.70 12.00
N PRO A 276 -17.51 1.93 12.30
CA PRO A 276 -17.82 2.92 13.32
C PRO A 276 -17.69 2.48 14.78
N TYR A 277 -17.69 3.46 15.64
CA TYR A 277 -17.65 3.26 17.07
C TYR A 277 -18.96 2.75 17.52
N PHE A 278 -18.92 1.76 18.40
CA PHE A 278 -20.13 1.27 19.11
C PHE A 278 -19.91 1.24 20.61
N SER A 279 -20.99 1.36 21.40
CA SER A 279 -20.94 0.92 22.82
C SER A 279 -22.25 0.25 23.22
N VAL A 280 -22.13 -0.80 24.02
CA VAL A 280 -23.29 -1.65 24.35
C VAL A 280 -23.77 -1.52 25.78
N THR A 281 -25.07 -1.80 25.93
CA THR A 281 -25.76 -2.07 27.21
C THR A 281 -25.87 -3.59 27.40
N ASN A 282 -25.09 -4.15 28.32
CA ASN A 282 -25.31 -5.54 28.67
C ASN A 282 -26.40 -5.58 29.73
N LYS A 283 -27.39 -6.46 29.50
CA LYS A 283 -28.49 -6.66 30.44
C LYS A 283 -28.00 -7.41 31.66
N SER A 284 -28.86 -7.47 32.66
CA SER A 284 -28.51 -8.10 33.92
C SER A 284 -28.70 -9.63 33.71
N GLY A 285 -27.72 -10.43 34.14
CA GLY A 285 -27.70 -11.88 33.89
C GLY A 285 -27.46 -12.22 32.42
N GLY A 286 -28.54 -12.41 31.67
CA GLY A 286 -28.47 -12.56 30.22
C GLY A 286 -27.18 -13.15 29.67
N PRO A 287 -26.71 -12.64 28.52
CA PRO A 287 -25.38 -12.98 28.01
C PRO A 287 -24.45 -11.76 28.07
N GLN A 288 -23.14 -11.97 28.18
CA GLN A 288 -22.17 -10.87 28.30
C GLN A 288 -21.38 -10.64 27.02
N MET A 289 -21.41 -9.41 26.51
CA MET A 289 -20.79 -9.00 25.22
C MET A 289 -19.41 -8.37 25.38
N GLU A 290 -18.47 -8.86 24.57
CA GLU A 290 -17.06 -8.47 24.68
C GLU A 290 -16.41 -8.09 23.35
N PRO A 291 -15.76 -6.92 23.30
CA PRO A 291 -15.67 -5.94 24.42
C PRO A 291 -17.03 -5.22 24.59
N THR A 292 -17.19 -4.38 25.62
CA THR A 292 -18.31 -3.44 25.67
C THR A 292 -17.87 -2.37 24.62
N ARG A 293 -18.09 -1.05 24.71
CA ARG A 293 -17.22 -0.10 23.94
C ARG A 293 -16.13 -0.62 22.89
N GLY A 294 -16.00 0.01 21.72
CA GLY A 294 -14.96 -0.31 20.69
C GLY A 294 -15.39 0.10 19.28
N LYS A 295 -14.86 -0.58 18.26
CA LYS A 295 -15.22 -0.30 16.85
C LYS A 295 -15.72 -1.56 16.13
N LEU A 296 -16.50 -1.38 15.09
CA LEU A 296 -17.32 -2.49 14.63
C LEU A 296 -16.48 -3.47 13.83
N CYS A 297 -15.48 -2.99 13.08
CA CYS A 297 -14.57 -3.91 12.35
C CYS A 297 -13.69 -4.76 13.33
N GLY A 298 -13.72 -4.38 14.60
CA GLY A 298 -13.04 -5.14 15.65
C GLY A 298 -13.57 -6.54 15.91
N PHE A 299 -14.75 -6.85 15.40
CA PHE A 299 -15.26 -8.21 15.42
C PHE A 299 -14.73 -8.88 14.18
N THR A 300 -13.42 -9.12 14.15
CA THR A 300 -12.81 -9.56 12.91
C THR A 300 -13.24 -10.96 12.57
N GLU A 301 -13.20 -11.84 13.55
CA GLU A 301 -13.55 -13.24 13.27
C GLU A 301 -14.95 -13.38 12.70
N GLU A 302 -15.90 -12.69 13.34
CA GLU A 302 -17.35 -12.69 12.94
C GLU A 302 -17.55 -12.08 11.56
N ILE A 303 -16.89 -10.99 11.27
CA ILE A 303 -17.05 -10.37 9.97
C ILE A 303 -16.43 -11.19 8.87
N SER A 304 -15.20 -11.64 9.08
CA SER A 304 -14.52 -12.56 8.13
C SER A 304 -15.38 -13.74 7.81
N ALA A 305 -16.03 -14.27 8.83
CA ALA A 305 -16.86 -15.45 8.67
C ALA A 305 -18.03 -15.13 7.76
N ILE A 306 -18.74 -14.07 8.07
CA ILE A 306 -19.91 -13.70 7.31
C ILE A 306 -19.51 -13.43 5.88
N GLN A 307 -18.37 -12.76 5.70
CA GLN A 307 -17.88 -12.48 4.34
C GLN A 307 -17.54 -13.73 3.60
N LYS A 308 -17.03 -14.74 4.31
CA LYS A 308 -16.64 -15.97 3.64
C LYS A 308 -17.89 -16.73 3.25
N MET A 309 -18.88 -16.72 4.14
CA MET A 309 -20.16 -17.36 3.85
C MET A 309 -20.80 -16.78 2.58
N ILE A 310 -20.88 -15.45 2.52
CA ILE A 310 -21.37 -14.77 1.35
C ILE A 310 -20.54 -15.14 0.12
N THR A 311 -19.22 -15.09 0.23
CA THR A 311 -18.39 -15.44 -0.92
C THR A 311 -18.65 -16.88 -1.42
N ASP A 312 -18.78 -17.84 -0.48
CA ASP A 312 -19.06 -19.23 -0.84
C ASP A 312 -20.49 -19.39 -1.43
N ALA A 313 -21.44 -18.65 -0.91
CA ALA A 313 -22.82 -18.68 -1.45
C ALA A 313 -22.91 -18.12 -2.88
N GLN A 314 -22.10 -17.11 -3.17
CA GLN A 314 -22.10 -16.52 -4.50
C GLN A 314 -21.51 -17.51 -5.49
N GLU A 315 -20.43 -18.21 -5.10
CA GLU A 315 -19.78 -19.22 -5.94
C GLU A 315 -20.79 -20.36 -6.17
N LEU A 316 -21.46 -20.75 -5.11
CA LEU A 316 -22.43 -21.83 -5.14
C LEU A 316 -23.57 -21.49 -6.09
N VAL A 317 -24.07 -20.28 -6.03
CA VAL A 317 -25.16 -19.90 -6.92
C VAL A 317 -24.68 -19.85 -8.33
N ASN A 318 -23.44 -19.43 -8.52
CA ASN A 318 -22.82 -19.47 -9.86
C ASN A 318 -22.91 -20.81 -10.57
N GLN A 319 -22.90 -21.92 -9.84
CA GLN A 319 -22.98 -23.24 -10.46
C GLN A 319 -24.32 -23.51 -11.17
N THR A 320 -25.37 -22.75 -10.82
CA THR A 320 -26.68 -22.85 -11.46
C THR A 320 -26.57 -22.75 -12.99
N SER A 321 -25.80 -21.81 -13.49
CA SER A 321 -25.70 -21.61 -14.95
C SER A 321 -25.01 -22.79 -15.59
N VAL A 322 -24.01 -23.35 -14.92
CA VAL A 322 -23.29 -24.50 -15.46
C VAL A 322 -24.27 -25.66 -15.63
N ILE A 323 -25.09 -25.88 -14.60
CA ILE A 323 -26.13 -26.90 -14.67
C ILE A 323 -27.13 -26.64 -15.80
N ASN A 324 -27.61 -25.40 -15.89
CA ASN A 324 -28.58 -25.06 -16.90
C ASN A 324 -28.04 -25.26 -18.29
N GLU A 325 -26.83 -24.78 -18.50
CA GLU A 325 -26.12 -24.84 -19.77
C GLU A 325 -25.86 -26.28 -20.21
N HIS A 326 -25.73 -27.22 -19.27
CA HIS A 326 -25.44 -28.62 -19.62
C HIS A 326 -26.56 -29.58 -19.24
N GLU A 327 -27.77 -29.30 -19.73
CA GLU A 327 -28.92 -30.17 -19.51
C GLU A 327 -28.50 -31.60 -19.88
N GLN A 328 -29.08 -32.56 -19.17
CA GLN A 328 -28.77 -33.95 -19.33
C GLN A 328 -29.97 -34.77 -19.72
N SER A 329 -30.91 -34.22 -20.47
CA SER A 329 -32.15 -34.97 -20.67
C SER A 329 -32.30 -35.58 -22.06
N THR A 330 -31.42 -35.25 -22.99
CA THR A 330 -31.38 -35.98 -24.25
C THR A 330 -30.81 -37.39 -24.03
N PRO A 331 -31.61 -38.46 -24.29
CA PRO A 331 -31.06 -39.82 -24.15
C PRO A 331 -29.94 -40.10 -25.19
N VAL A 332 -28.93 -40.87 -24.77
CA VAL A 332 -27.77 -41.15 -25.61
C VAL A 332 -27.60 -42.64 -25.94
N GLY A 333 -26.77 -42.92 -26.93
CA GLY A 333 -26.63 -44.29 -27.41
C GLY A 333 -25.74 -44.33 -28.64
N GLY A 334 -25.72 -45.46 -29.34
CA GLY A 334 -24.86 -45.58 -30.53
C GLY A 334 -25.25 -44.68 -31.71
N ASN A 335 -24.42 -44.72 -32.76
CA ASN A 335 -24.79 -44.23 -34.08
C ASN A 335 -25.57 -45.31 -34.78
N ASN A 336 -26.39 -44.91 -35.74
CA ASN A 336 -26.93 -45.79 -36.78
C ASN A 336 -27.17 -47.25 -36.30
N GLY A 337 -27.96 -47.39 -35.24
CA GLY A 337 -28.44 -48.69 -34.75
C GLY A 337 -27.38 -49.59 -34.16
N LYS A 338 -26.13 -49.36 -34.56
CA LYS A 338 -24.98 -50.16 -34.15
C LYS A 338 -24.48 -49.78 -32.76
N PRO A 339 -23.74 -50.67 -32.09
CA PRO A 339 -23.62 -50.56 -30.63
C PRO A 339 -22.86 -49.37 -30.21
N PHE A 340 -23.12 -48.94 -28.99
CA PHE A 340 -22.45 -47.78 -28.42
C PHE A 340 -20.95 -48.02 -28.34
N ASN A 341 -20.18 -47.02 -28.73
CA ASN A 341 -18.76 -47.09 -28.63
C ASN A 341 -18.25 -46.06 -27.64
N PRO A 342 -17.79 -46.48 -26.45
CA PRO A 342 -17.33 -45.48 -25.44
C PRO A 342 -16.17 -44.59 -25.87
N PHE A 343 -15.46 -44.98 -26.92
CA PHE A 343 -14.34 -44.21 -27.44
C PHE A 343 -14.68 -43.12 -28.48
N THR A 344 -15.83 -43.24 -29.16
CA THR A 344 -16.19 -42.31 -30.24
C THR A 344 -17.56 -41.63 -30.11
N ASP A 345 -18.50 -42.29 -29.47
CA ASP A 345 -19.87 -41.82 -29.41
C ASP A 345 -20.12 -41.03 -28.12
N ALA A 346 -19.12 -40.44 -27.49
CA ALA A 346 -19.39 -39.92 -26.18
C ALA A 346 -19.09 -38.46 -25.99
N SER A 347 -19.39 -37.64 -27.00
CA SER A 347 -19.09 -36.21 -26.90
C SER A 347 -19.99 -35.47 -25.88
N PHE A 348 -21.13 -36.04 -25.52
CA PHE A 348 -21.92 -35.54 -24.36
C PHE A 348 -21.16 -35.53 -23.04
N ALA A 349 -20.15 -36.37 -22.90
CA ALA A 349 -19.51 -36.56 -21.62
C ALA A 349 -18.90 -35.32 -20.98
N GLN A 350 -18.25 -34.43 -21.75
CA GLN A 350 -17.71 -33.20 -21.14
C GLN A 350 -18.78 -32.40 -20.40
N GLY A 351 -19.98 -32.35 -20.99
CA GLY A 351 -21.10 -31.61 -20.42
C GLY A 351 -21.70 -32.33 -19.22
N MET A 352 -21.70 -33.66 -19.26
CA MET A 352 -22.18 -34.48 -18.16
C MET A 352 -21.27 -34.32 -16.96
N LEU A 353 -19.98 -34.25 -17.22
CA LEU A 353 -19.00 -34.10 -16.19
C LEU A 353 -19.13 -32.74 -15.61
N ALA A 354 -19.22 -31.73 -16.46
CA ALA A 354 -19.27 -30.35 -15.99
C ALA A 354 -20.48 -30.13 -15.07
N ASN A 355 -21.61 -30.72 -15.47
CA ASN A 355 -22.83 -30.67 -14.71
C ASN A 355 -22.64 -31.37 -13.35
N ALA A 356 -22.28 -32.64 -13.41
CA ALA A 356 -22.07 -33.41 -12.21
C ALA A 356 -21.11 -32.70 -11.27
N SER A 357 -20.02 -32.15 -11.80
CA SER A 357 -19.04 -31.43 -10.96
C SER A 357 -19.64 -30.22 -10.31
N ALA A 358 -20.46 -29.48 -11.07
CA ALA A 358 -21.09 -28.29 -10.59
C ALA A 358 -22.04 -28.64 -9.49
N GLN A 359 -22.80 -29.71 -9.65
CA GLN A 359 -23.71 -30.14 -8.59
C GLN A 359 -22.96 -30.51 -7.31
N ALA A 360 -21.87 -31.22 -7.47
CA ALA A 360 -21.05 -31.62 -6.33
C ALA A 360 -20.44 -30.41 -5.65
N LYS A 361 -20.09 -29.41 -6.43
CA LYS A 361 -19.49 -28.20 -5.92
C LYS A 361 -20.51 -27.38 -5.14
N MET A 362 -21.76 -27.38 -5.58
CA MET A 362 -22.85 -26.72 -4.84
C MET A 362 -23.03 -27.34 -3.47
N LEU A 363 -23.04 -28.65 -3.44
CA LEU A 363 -23.25 -29.37 -2.22
C LEU A 363 -22.11 -29.11 -1.24
N ASN A 364 -20.87 -29.15 -1.72
CA ASN A 364 -19.76 -28.90 -0.81
C ASN A 364 -19.69 -27.46 -0.27
N LEU A 365 -19.99 -26.48 -1.10
CA LEU A 365 -19.99 -25.13 -0.65
C LEU A 365 -21.13 -24.91 0.34
N ALA A 366 -22.31 -25.42 0.02
CA ALA A 366 -23.42 -25.37 0.95
C ALA A 366 -22.96 -25.86 2.31
N HIS A 367 -22.28 -27.01 2.33
CA HIS A 367 -21.76 -27.57 3.57
C HIS A 367 -20.76 -26.66 4.21
N GLN A 368 -19.89 -26.11 3.38
CA GLN A 368 -18.83 -25.23 3.87
C GLN A 368 -19.43 -23.94 4.52
N VAL A 369 -20.56 -23.46 4.01
CA VAL A 369 -21.18 -22.27 4.53
C VAL A 369 -21.62 -22.51 5.96
N GLY A 370 -22.32 -23.60 6.15
CA GLY A 370 -22.71 -24.05 7.49
C GLY A 370 -21.57 -24.26 8.47
N GLN A 371 -20.45 -24.83 8.03
CA GLN A 371 -19.35 -25.09 8.95
C GLN A 371 -18.62 -23.83 9.34
N THR A 372 -18.75 -22.78 8.54
CA THR A 372 -18.13 -21.50 8.83
C THR A 372 -18.72 -20.86 10.09
N ILE A 373 -20.04 -20.99 10.27
CA ILE A 373 -20.75 -20.37 11.38
C ILE A 373 -21.20 -21.34 12.46
N ASN A 374 -21.32 -22.64 12.16
CA ASN A 374 -21.85 -23.60 13.15
C ASN A 374 -21.05 -23.59 14.47
N PRO A 375 -21.71 -23.23 15.59
CA PRO A 375 -21.04 -23.09 16.90
C PRO A 375 -20.46 -24.35 17.45
N ASP A 376 -20.84 -25.50 16.93
CA ASP A 376 -20.25 -26.74 17.38
C ASP A 376 -18.72 -26.68 17.22
N ASN A 377 -18.23 -26.01 16.18
CA ASN A 377 -16.79 -25.94 15.93
C ASN A 377 -16.20 -24.60 16.16
N LEU A 378 -16.88 -23.76 16.92
CA LEU A 378 -16.35 -22.43 17.16
C LEU A 378 -15.78 -22.38 18.53
N THR A 379 -14.92 -21.39 18.75
CA THR A 379 -14.21 -21.28 20.01
C THR A 379 -14.14 -19.86 20.53
N GLY A 380 -13.94 -19.74 21.83
CA GLY A 380 -13.70 -18.47 22.49
C GLY A 380 -14.78 -17.41 22.28
N THR A 381 -14.34 -16.18 22.03
CA THR A 381 -15.29 -15.08 22.01
C THR A 381 -16.23 -15.18 20.81
N PHE A 382 -15.78 -15.83 19.73
CA PHE A 382 -16.57 -15.95 18.51
C PHE A 382 -17.75 -16.89 18.72
N LYS A 383 -17.51 -18.03 19.35
CA LYS A 383 -18.61 -18.91 19.70
C LYS A 383 -19.64 -18.25 20.62
N ASN A 384 -19.16 -17.49 21.60
CA ASN A 384 -20.03 -16.85 22.57
C ASN A 384 -20.93 -15.83 21.78
N PHE A 385 -20.36 -15.13 20.80
CA PHE A 385 -21.14 -14.19 20.01
C PHE A 385 -22.29 -14.92 19.27
N VAL A 386 -21.96 -16.01 18.60
CA VAL A 386 -22.96 -16.77 17.85
C VAL A 386 -24.05 -17.41 18.75
N THR A 387 -23.69 -18.06 19.84
CA THR A 387 -24.68 -18.81 20.63
C THR A 387 -25.46 -17.90 21.56
N GLY A 388 -24.86 -16.84 22.05
CA GLY A 388 -25.57 -15.88 22.93
C GLY A 388 -26.27 -14.71 22.27
N PHE A 389 -25.91 -14.37 21.02
CA PHE A 389 -26.56 -13.25 20.33
C PHE A 389 -27.06 -13.62 18.95
N LEU A 390 -26.15 -14.04 18.08
CA LEU A 390 -26.48 -14.16 16.67
C LEU A 390 -27.62 -15.15 16.50
N ALA A 391 -27.49 -16.29 17.16
CA ALA A 391 -28.47 -17.37 17.01
C ALA A 391 -29.50 -17.27 18.12
N THR A 392 -30.11 -16.11 18.24
CA THR A 392 -30.99 -15.79 19.34
C THR A 392 -32.02 -14.87 18.79
N CYS A 393 -33.20 -14.80 19.41
CA CYS A 393 -34.15 -13.72 19.12
C CYS A 393 -34.84 -13.27 20.39
N ASN A 394 -34.87 -11.96 20.61
CA ASN A 394 -35.60 -11.43 21.77
C ASN A 394 -37.05 -10.97 21.50
N ASN A 395 -37.52 -11.07 20.25
CA ASN A 395 -38.91 -10.67 19.92
C ASN A 395 -39.93 -11.51 20.70
N LYS A 396 -41.01 -10.87 21.15
CA LYS A 396 -42.17 -11.58 21.68
C LYS A 396 -42.59 -12.70 20.73
N GLY A 406 -41.54 -18.26 17.16
CA GLY A 406 -40.95 -16.95 16.87
C GLY A 406 -41.85 -16.03 16.04
N SER A 407 -41.51 -14.73 16.02
CA SER A 407 -42.09 -13.78 15.06
C SER A 407 -41.57 -14.10 13.63
N PRO A 408 -42.36 -13.79 12.57
CA PRO A 408 -41.95 -14.15 11.21
C PRO A 408 -40.58 -13.60 10.83
N PRO A 409 -39.99 -14.09 9.73
CA PRO A 409 -38.71 -13.48 9.30
C PRO A 409 -38.93 -12.07 8.77
N GLY A 410 -37.90 -11.23 8.90
CA GLY A 410 -37.98 -9.82 8.49
C GLY A 410 -38.68 -8.82 9.42
N THR A 411 -39.05 -9.26 10.63
CA THR A 411 -39.80 -8.46 11.59
C THR A 411 -38.88 -7.73 12.52
N VAL A 412 -39.05 -6.41 12.61
CA VAL A 412 -38.31 -5.59 13.57
C VAL A 412 -39.24 -5.12 14.68
N THR A 413 -38.81 -5.30 15.92
CA THR A 413 -39.61 -4.86 17.07
C THR A 413 -38.69 -4.11 17.99
N THR A 414 -39.30 -3.52 19.02
CA THR A 414 -38.54 -2.76 20.00
C THR A 414 -37.61 -3.68 20.80
N GLN A 415 -37.78 -5.01 20.67
CA GLN A 415 -36.94 -5.97 21.35
C GLN A 415 -35.95 -6.72 20.43
N THR A 416 -35.88 -6.35 19.17
CA THR A 416 -34.99 -7.00 18.24
C THR A 416 -33.51 -6.76 18.61
N PHE A 417 -33.16 -5.56 19.01
CA PHE A 417 -31.74 -5.23 19.30
C PHE A 417 -30.99 -6.27 20.13
N ALA A 418 -29.72 -6.49 19.82
CA ALA A 418 -28.85 -7.39 20.59
C ALA A 418 -29.16 -8.86 20.43
N SER A 419 -29.93 -9.19 19.40
CA SER A 419 -30.29 -10.57 19.11
C SER A 419 -30.39 -10.64 17.57
N GLY A 420 -30.15 -11.81 16.99
CA GLY A 420 -30.06 -11.92 15.56
C GLY A 420 -31.41 -11.78 14.89
N CYS A 421 -32.41 -12.45 15.45
CA CYS A 421 -33.75 -12.46 14.86
C CYS A 421 -33.67 -12.74 13.35
N ALA A 422 -32.84 -13.69 12.97
CA ALA A 422 -32.76 -14.11 11.62
C ALA A 422 -32.67 -15.63 11.53
N TYR A 423 -33.41 -16.33 12.36
CA TYR A 423 -33.55 -17.78 12.21
C TYR A 423 -32.20 -18.50 11.93
N VAL A 424 -31.14 -18.08 12.63
CA VAL A 424 -29.86 -18.74 12.44
C VAL A 424 -29.79 -20.17 13.02
N GLU A 425 -30.14 -20.40 14.28
CA GLU A 425 -30.17 -21.80 14.75
C GLU A 425 -30.98 -22.65 13.76
N GLN A 426 -32.20 -22.24 13.43
CA GLN A 426 -33.13 -23.05 12.64
C GLN A 426 -32.58 -23.31 11.22
N THR A 427 -31.85 -22.36 10.67
CA THR A 427 -31.37 -22.52 9.33
C THR A 427 -30.20 -23.50 9.35
N ILE A 428 -29.39 -23.46 10.40
CA ILE A 428 -28.28 -24.41 10.52
C ILE A 428 -28.86 -25.79 10.60
N THR A 429 -29.86 -25.96 11.46
CA THR A 429 -30.57 -27.24 11.53
C THR A 429 -31.17 -27.73 10.19
N ASN A 430 -31.76 -26.85 9.40
CA ASN A 430 -32.41 -27.26 8.16
C ASN A 430 -31.43 -27.56 7.07
N LEU A 431 -30.34 -26.85 7.08
CA LEU A 431 -29.24 -27.18 6.22
C LEU A 431 -28.79 -28.64 6.50
N ASN A 432 -28.51 -28.95 7.76
CA ASN A 432 -28.08 -30.29 8.10
C ASN A 432 -29.14 -31.32 7.72
N ASN A 433 -30.40 -31.03 8.02
CA ASN A 433 -31.45 -31.95 7.68
C ASN A 433 -31.46 -32.19 6.17
N SER A 434 -31.33 -31.11 5.41
CA SER A 434 -31.41 -31.25 3.96
C SER A 434 -30.24 -32.09 3.40
N ILE A 435 -29.05 -31.91 3.99
CA ILE A 435 -27.86 -32.65 3.58
C ILE A 435 -28.02 -34.13 3.89
N ALA A 436 -28.60 -34.42 5.04
CA ALA A 436 -28.79 -35.79 5.44
C ALA A 436 -29.77 -36.48 4.52
N HIS A 437 -30.71 -35.73 3.93
CA HIS A 437 -31.75 -36.29 3.03
C HIS A 437 -31.29 -36.17 1.57
N PHE A 438 -30.04 -35.80 1.38
CA PHE A 438 -29.37 -35.79 0.10
C PHE A 438 -28.31 -36.92 0.03
N GLY A 439 -28.39 -37.91 0.92
CA GLY A 439 -27.46 -39.01 0.90
C GLY A 439 -27.32 -39.73 -0.45
N THR A 440 -28.44 -40.27 -0.93
CA THR A 440 -28.59 -40.91 -2.23
C THR A 440 -28.15 -40.03 -3.42
N GLN A 441 -28.65 -38.80 -3.47
CA GLN A 441 -28.37 -37.95 -4.62
C GLN A 441 -26.87 -37.70 -4.72
N GLU A 442 -26.21 -37.49 -3.58
CA GLU A 442 -24.81 -37.20 -3.56
C GLU A 442 -24.07 -38.38 -4.20
N GLN A 443 -24.47 -39.59 -3.84
CA GLN A 443 -23.82 -40.75 -4.40
C GLN A 443 -24.10 -40.84 -5.90
N GLN A 444 -25.32 -40.52 -6.32
CA GLN A 444 -25.63 -40.52 -7.76
C GLN A 444 -24.85 -39.49 -8.55
N ILE A 445 -24.54 -38.36 -7.93
CA ILE A 445 -23.81 -37.30 -8.60
C ILE A 445 -22.41 -37.81 -8.81
N GLN A 446 -21.82 -38.32 -7.74
CA GLN A 446 -20.47 -38.88 -7.81
C GLN A 446 -20.36 -39.98 -8.87
N GLN A 447 -21.36 -40.85 -8.93
CA GLN A 447 -21.38 -41.93 -9.90
C GLN A 447 -21.48 -41.36 -11.29
N ALA A 448 -22.34 -40.39 -11.47
CA ALA A 448 -22.42 -39.70 -12.76
C ALA A 448 -21.10 -39.00 -13.10
N GLU A 449 -20.42 -38.48 -12.10
CA GLU A 449 -19.18 -37.77 -12.38
C GLU A 449 -18.16 -38.78 -12.84
N ASN A 450 -18.14 -39.96 -12.23
CA ASN A 450 -17.19 -40.99 -12.56
C ASN A 450 -17.38 -41.66 -13.90
N ILE A 451 -18.63 -41.84 -14.28
CA ILE A 451 -18.97 -42.32 -15.59
C ILE A 451 -18.50 -41.32 -16.64
N ALA A 452 -18.82 -40.05 -16.45
CA ALA A 452 -18.49 -39.07 -17.45
C ALA A 452 -17.01 -38.98 -17.59
N ASP A 453 -16.34 -38.95 -16.45
CA ASP A 453 -14.88 -38.88 -16.39
C ASP A 453 -14.24 -40.06 -17.12
N THR A 454 -14.77 -41.26 -16.91
CA THR A 454 -14.32 -42.42 -17.66
C THR A 454 -14.46 -42.17 -19.16
N LEU A 455 -15.59 -41.65 -19.58
CA LEU A 455 -15.86 -41.43 -20.99
C LEU A 455 -14.99 -40.32 -21.58
N VAL A 456 -14.86 -39.23 -20.86
CA VAL A 456 -13.92 -38.20 -21.30
C VAL A 456 -12.51 -38.76 -21.50
N ASN A 457 -12.10 -39.68 -20.64
CA ASN A 457 -10.80 -40.31 -20.76
C ASN A 457 -10.67 -41.15 -21.98
N PHE A 458 -11.63 -42.06 -22.17
CA PHE A 458 -11.61 -42.95 -23.32
C PHE A 458 -11.56 -42.14 -24.61
N GLY A 459 -12.25 -41.01 -24.66
CA GLY A 459 -12.28 -40.16 -25.83
C GLY A 459 -11.10 -39.24 -26.09
N SER A 460 -9.87 -39.57 -25.70
CA SER A 460 -8.71 -38.67 -26.01
C SER A 460 -7.66 -39.22 -26.99
N VAL B 2 -9.21 -36.48 10.45
CA VAL B 2 -9.23 -37.07 9.07
C VAL B 2 -8.84 -38.57 9.03
N GLN B 3 -9.79 -39.37 9.48
CA GLN B 3 -9.62 -40.73 9.92
C GLN B 3 -11.03 -41.30 10.00
N LEU B 4 -11.23 -42.41 9.32
CA LEU B 4 -12.45 -43.17 9.46
C LEU B 4 -12.06 -44.65 9.60
N GLN B 5 -12.54 -45.29 10.68
CA GLN B 5 -12.17 -46.65 10.98
C GLN B 5 -13.40 -47.45 11.38
N GLU B 6 -13.91 -48.23 10.45
CA GLU B 6 -15.07 -49.07 10.67
C GLU B 6 -14.64 -50.41 11.33
N SER B 7 -15.57 -51.08 12.00
CA SER B 7 -15.33 -52.35 12.62
C SER B 7 -16.69 -53.00 12.94
N GLY B 8 -16.68 -54.26 13.36
CA GLY B 8 -17.89 -54.90 13.84
C GLY B 8 -18.52 -55.92 12.91
N GLY B 9 -18.03 -56.00 11.67
CA GLY B 9 -18.70 -56.82 10.67
C GLY B 9 -18.34 -58.26 10.78
N GLY B 10 -19.04 -59.13 10.09
CA GLY B 10 -18.72 -60.55 10.17
C GLY B 10 -19.64 -61.35 9.31
N LEU B 11 -19.52 -62.65 9.43
CA LEU B 11 -20.41 -63.58 8.74
C LEU B 11 -21.51 -63.90 9.75
N VAL B 12 -22.77 -63.78 9.36
CA VAL B 12 -23.90 -64.06 10.27
C VAL B 12 -24.98 -64.77 9.49
N GLN B 13 -25.95 -65.34 10.21
CA GLN B 13 -27.13 -65.95 9.60
C GLN B 13 -28.21 -64.97 9.22
N PRO B 14 -29.05 -65.37 8.25
CA PRO B 14 -30.21 -64.53 7.97
C PRO B 14 -31.12 -64.58 9.17
N GLY B 15 -31.71 -63.44 9.51
CA GLY B 15 -32.44 -63.30 10.74
C GLY B 15 -31.56 -62.65 11.77
N GLY B 16 -30.26 -62.63 11.53
CA GLY B 16 -29.30 -62.19 12.55
C GLY B 16 -29.24 -60.69 12.74
N SER B 17 -28.29 -60.28 13.56
CA SER B 17 -28.09 -58.88 13.94
C SER B 17 -26.57 -58.62 14.15
N LEU B 18 -26.13 -57.40 13.88
CA LEU B 18 -24.75 -57.00 14.06
C LEU B 18 -24.76 -55.57 14.49
N ARG B 19 -23.77 -55.18 15.26
CA ARG B 19 -23.57 -53.79 15.54
C ARG B 19 -22.26 -53.32 14.92
N LEU B 20 -22.36 -52.42 13.94
CA LEU B 20 -21.17 -51.82 13.35
C LEU B 20 -20.78 -50.55 14.11
N SER B 21 -19.49 -50.29 14.21
CA SER B 21 -18.98 -49.10 14.90
C SER B 21 -18.09 -48.34 13.92
N CYS B 22 -17.97 -47.03 14.12
CA CYS B 22 -17.03 -46.24 13.36
C CYS B 22 -16.39 -45.14 14.17
N ALA B 23 -15.09 -45.21 14.35
CA ALA B 23 -14.32 -44.15 15.00
C ALA B 23 -13.98 -43.10 13.96
N ALA B 24 -14.48 -41.88 14.15
CA ALA B 24 -14.19 -40.82 13.23
C ALA B 24 -13.39 -39.81 14.00
N SER B 25 -12.55 -39.07 13.29
CA SER B 25 -11.84 -37.98 13.92
C SER B 25 -12.85 -36.86 14.19
N GLY B 26 -12.49 -35.92 15.06
CA GLY B 26 -13.36 -34.81 15.40
C GLY B 26 -13.52 -33.88 14.22
N SER B 27 -12.43 -33.64 13.50
CA SER B 27 -12.46 -32.74 12.36
C SER B 27 -13.61 -33.16 11.44
N ILE B 28 -13.77 -34.46 11.24
CA ILE B 28 -14.82 -34.99 10.35
C ILE B 28 -16.17 -35.01 11.01
N PHE B 29 -16.16 -35.35 12.29
CA PHE B 29 -17.37 -35.77 12.94
C PHE B 29 -18.13 -34.57 13.54
N SER B 30 -17.41 -33.65 14.14
CA SER B 30 -18.04 -32.61 14.95
C SER B 30 -18.82 -31.66 14.08
N GLY B 31 -20.07 -31.39 14.48
CA GLY B 31 -20.96 -30.49 13.77
C GLY B 31 -21.37 -30.97 12.40
N ASN B 32 -21.20 -32.25 12.14
CA ASN B 32 -21.45 -32.78 10.81
C ASN B 32 -22.45 -33.90 10.77
N VAL B 33 -23.24 -33.92 9.72
CA VAL B 33 -24.10 -35.02 9.38
C VAL B 33 -23.18 -36.22 9.07
N MET B 34 -23.51 -37.37 9.65
CA MET B 34 -22.71 -38.58 9.44
C MET B 34 -23.59 -39.67 8.92
N GLY B 35 -23.01 -40.61 8.18
CA GLY B 35 -23.82 -41.69 7.62
C GLY B 35 -23.11 -43.00 7.33
N TRP B 36 -23.90 -44.02 7.00
CA TRP B 36 -23.38 -45.31 6.59
C TRP B 36 -23.66 -45.62 5.15
N TYR B 37 -22.67 -46.24 4.51
CA TYR B 37 -22.73 -46.65 3.12
C TYR B 37 -22.39 -48.10 2.99
N ARG B 38 -22.69 -48.69 1.84
CA ARG B 38 -22.32 -50.04 1.62
C ARG B 38 -22.08 -50.29 0.15
N GLN B 39 -21.16 -51.21 -0.13
CA GLN B 39 -20.80 -51.53 -1.48
C GLN B 39 -20.86 -53.03 -1.62
N ALA B 40 -21.89 -53.48 -2.33
CA ALA B 40 -22.11 -54.92 -2.56
C ALA B 40 -21.40 -55.41 -3.85
N PRO B 41 -21.31 -56.73 -4.03
CA PRO B 41 -20.68 -57.28 -5.24
C PRO B 41 -21.36 -56.84 -6.53
N GLY B 42 -20.58 -56.38 -7.51
CA GLY B 42 -21.09 -55.96 -8.81
C GLY B 42 -21.76 -54.60 -8.77
N LYS B 43 -21.73 -53.91 -7.64
CA LYS B 43 -22.42 -52.64 -7.59
C LYS B 43 -21.51 -51.54 -7.10
N LEU B 44 -21.88 -50.31 -7.36
CA LEU B 44 -21.18 -49.21 -6.80
C LEU B 44 -21.71 -48.93 -5.40
N ARG B 45 -21.06 -48.00 -4.72
CA ARG B 45 -21.41 -47.67 -3.36
C ARG B 45 -22.79 -47.05 -3.28
N GLU B 46 -23.55 -47.50 -2.30
CA GLU B 46 -24.97 -47.21 -2.07
C GLU B 46 -25.10 -46.50 -0.72
N TRP B 47 -25.88 -45.42 -0.65
CA TRP B 47 -26.15 -44.77 0.65
C TRP B 47 -27.18 -45.56 1.40
N VAL B 48 -27.00 -45.66 2.70
CA VAL B 48 -27.84 -46.51 3.58
C VAL B 48 -28.58 -45.75 4.69
N ALA B 49 -27.85 -44.91 5.42
CA ALA B 49 -28.45 -44.12 6.50
C ALA B 49 -27.61 -42.89 6.87
N ALA B 50 -28.25 -41.97 7.55
CA ALA B 50 -27.61 -40.72 7.97
C ALA B 50 -28.20 -40.22 9.27
N ILE B 51 -27.51 -39.30 9.90
CA ILE B 51 -27.95 -38.80 11.20
C ILE B 51 -27.35 -37.42 11.43
N THR B 52 -28.18 -36.45 11.78
CA THR B 52 -27.68 -35.09 11.96
C THR B 52 -26.99 -34.98 13.31
N PRO B 53 -26.21 -33.91 13.53
CA PRO B 53 -25.57 -33.69 14.82
C PRO B 53 -26.57 -33.77 15.95
N GLN B 54 -27.78 -33.29 15.72
CA GLN B 54 -28.79 -33.28 16.79
C GLN B 54 -29.49 -34.62 17.01
N GLY B 55 -29.15 -35.63 16.23
CA GLY B 55 -29.59 -36.99 16.52
C GLY B 55 -30.65 -37.53 15.60
N VAL B 56 -31.09 -36.72 14.61
CA VAL B 56 -32.16 -37.15 13.73
C VAL B 56 -31.67 -38.08 12.62
N PRO B 57 -32.23 -39.31 12.56
CA PRO B 57 -31.74 -40.32 11.66
C PRO B 57 -32.64 -40.40 10.46
N ASN B 58 -32.10 -40.77 9.31
CA ASN B 58 -32.92 -41.21 8.15
C ASN B 58 -32.26 -42.35 7.32
N TYR B 59 -33.09 -43.10 6.60
CA TYR B 59 -32.70 -44.38 6.08
C TYR B 59 -33.09 -44.59 4.63
N ALA B 60 -32.34 -45.45 3.96
CA ALA B 60 -32.69 -45.83 2.60
C ALA B 60 -33.88 -46.76 2.69
N ASP B 61 -34.73 -46.76 1.68
CA ASP B 61 -35.86 -47.66 1.64
C ASP B 61 -35.44 -49.13 1.86
N SER B 62 -34.31 -49.56 1.32
CA SER B 62 -33.87 -50.97 1.45
C SER B 62 -33.67 -51.44 2.89
N VAL B 63 -33.42 -50.51 3.82
CA VAL B 63 -33.11 -50.88 5.21
C VAL B 63 -34.04 -50.26 6.25
N LYS B 64 -34.91 -49.36 5.82
CA LYS B 64 -35.78 -48.72 6.77
C LYS B 64 -36.55 -49.80 7.50
N GLY B 65 -36.68 -49.62 8.81
CA GLY B 65 -37.43 -50.57 9.65
C GLY B 65 -36.55 -51.63 10.27
N ARG B 66 -35.36 -51.85 9.73
CA ARG B 66 -34.53 -52.93 10.21
C ARG B 66 -33.23 -52.45 10.82
N PHE B 67 -32.75 -51.27 10.39
CA PHE B 67 -31.44 -50.74 10.85
C PHE B 67 -31.65 -49.47 11.67
N THR B 68 -30.85 -49.27 12.71
CA THR B 68 -30.87 -48.03 13.44
C THR B 68 -29.49 -47.47 13.42
N ILE B 69 -29.39 -46.19 13.09
CA ILE B 69 -28.12 -45.48 13.11
C ILE B 69 -28.11 -44.60 14.33
N SER B 70 -26.97 -44.47 14.99
CA SER B 70 -26.91 -43.64 16.20
C SER B 70 -25.54 -43.02 16.29
N ARG B 71 -25.40 -42.03 17.16
CA ARG B 71 -24.15 -41.28 17.26
C ARG B 71 -23.85 -40.94 18.71
N ASP B 72 -22.57 -40.99 19.06
CA ASP B 72 -22.14 -40.61 20.40
C ASP B 72 -21.23 -39.38 20.32
N ASN B 73 -21.78 -38.21 20.62
CA ASN B 73 -21.05 -36.97 20.38
C ASN B 73 -19.94 -36.76 21.38
N ALA B 74 -19.98 -37.43 22.53
CA ALA B 74 -18.87 -37.33 23.46
C ALA B 74 -17.57 -38.00 22.95
N LYS B 75 -17.69 -39.02 22.10
CA LYS B 75 -16.53 -39.81 21.68
C LYS B 75 -16.42 -39.99 20.14
N ASN B 76 -17.05 -39.11 19.38
CA ASN B 76 -17.02 -39.18 17.89
C ASN B 76 -17.23 -40.57 17.32
N MET B 77 -18.21 -41.30 17.85
CA MET B 77 -18.51 -42.64 17.38
C MET B 77 -19.81 -42.64 16.62
N LEU B 78 -19.85 -43.41 15.55
CA LEU B 78 -21.06 -43.68 14.82
C LEU B 78 -21.37 -45.17 14.91
N TYR B 79 -22.65 -45.51 14.98
CA TYR B 79 -23.07 -46.88 15.17
C TYR B 79 -24.16 -47.22 14.15
N LEU B 80 -24.21 -48.48 13.74
CA LEU B 80 -25.30 -48.97 12.94
C LEU B 80 -25.73 -50.31 13.48
N GLN B 81 -26.91 -50.35 14.07
CA GLN B 81 -27.49 -51.59 14.55
C GLN B 81 -28.25 -52.15 13.38
N MET B 82 -27.89 -53.36 12.99
CA MET B 82 -28.55 -54.07 11.90
C MET B 82 -29.36 -55.23 12.50
N SER B 83 -30.62 -55.34 12.10
CA SER B 83 -31.46 -56.44 12.51
C SER B 83 -32.18 -57.04 11.32
N SER B 84 -32.59 -58.30 11.46
CA SER B 84 -33.34 -59.00 10.42
C SER B 84 -32.54 -59.02 9.14
N LEU B 85 -31.29 -59.40 9.24
CA LEU B 85 -30.41 -59.41 8.09
C LEU B 85 -30.83 -60.43 7.04
N LYS B 86 -30.74 -59.99 5.78
CA LYS B 86 -31.00 -60.80 4.58
C LYS B 86 -29.71 -61.01 3.81
N PRO B 87 -29.64 -62.04 2.95
CA PRO B 87 -28.45 -62.18 2.09
C PRO B 87 -28.12 -60.91 1.32
N GLU B 88 -29.14 -60.20 0.83
CA GLU B 88 -28.97 -58.93 0.08
C GLU B 88 -28.22 -57.84 0.87
N ASP B 89 -28.12 -57.96 2.19
CA ASP B 89 -27.36 -56.96 2.96
C ASP B 89 -25.87 -57.24 2.93
N THR B 90 -25.47 -58.32 2.26
CA THR B 90 -24.07 -58.65 2.14
C THR B 90 -23.32 -57.57 1.36
N ALA B 91 -22.31 -56.95 2.00
CA ALA B 91 -21.51 -55.87 1.41
C ALA B 91 -20.37 -55.46 2.30
N LEU B 92 -19.52 -54.57 1.79
CA LEU B 92 -18.59 -53.78 2.64
C LEU B 92 -19.25 -52.50 3.15
N TYR B 93 -19.25 -52.29 4.46
CA TYR B 93 -19.95 -51.13 5.03
C TYR B 93 -18.91 -50.05 5.39
N TYR B 94 -19.23 -48.79 5.11
CA TYR B 94 -18.32 -47.66 5.35
C TYR B 94 -19.10 -46.51 6.03
N CYS B 95 -18.50 -45.79 7.00
CA CYS B 95 -19.02 -44.49 7.52
C CYS B 95 -18.28 -43.39 6.80
N ASN B 96 -18.94 -42.24 6.69
CA ASN B 96 -18.32 -41.00 6.23
C ASN B 96 -19.18 -39.86 6.72
N ARG B 97 -18.71 -38.64 6.58
CA ARG B 97 -19.60 -37.53 6.83
C ARG B 97 -20.38 -37.27 5.55
N LEU B 98 -21.45 -36.48 5.69
CA LEU B 98 -22.22 -35.99 4.54
C LEU B 98 -22.13 -34.48 4.49
N PRO B 99 -21.75 -33.91 3.35
CA PRO B 99 -21.23 -34.57 2.13
C PRO B 99 -19.86 -35.21 2.41
N ASN B 100 -19.41 -36.10 1.54
CA ASN B 100 -18.34 -37.06 1.88
C ASN B 100 -16.97 -36.45 1.93
N TYR B 101 -16.17 -36.86 2.92
CA TYR B 101 -14.74 -36.57 2.92
C TYR B 101 -14.14 -37.47 1.80
N ARG B 102 -13.21 -36.97 1.00
CA ARG B 102 -12.77 -37.69 -0.20
C ARG B 102 -11.93 -38.96 0.05
N SER B 103 -11.54 -39.28 1.29
CA SER B 103 -10.77 -40.50 1.58
C SER B 103 -11.57 -41.42 2.45
N TRP B 104 -11.85 -42.61 1.96
CA TRP B 104 -12.68 -43.54 2.69
C TRP B 104 -11.83 -44.43 3.56
N GLY B 105 -12.36 -44.87 4.69
CA GLY B 105 -11.66 -45.89 5.48
C GLY B 105 -11.77 -47.26 4.82
N GLN B 106 -11.18 -48.26 5.46
CA GLN B 106 -11.11 -49.61 4.89
C GLN B 106 -12.46 -50.35 4.79
N GLY B 107 -13.46 -49.87 5.53
CA GLY B 107 -14.74 -50.59 5.67
C GLY B 107 -14.67 -51.86 6.47
N THR B 108 -15.83 -52.44 6.73
CA THR B 108 -15.95 -53.69 7.46
C THR B 108 -16.92 -54.60 6.70
N GLN B 109 -16.49 -55.85 6.45
CA GLN B 109 -17.25 -56.78 5.63
C GLN B 109 -18.43 -57.36 6.40
N VAL B 110 -19.61 -57.32 5.80
CA VAL B 110 -20.74 -58.04 6.35
C VAL B 110 -21.20 -59.09 5.36
N THR B 111 -21.30 -60.33 5.83
CA THR B 111 -21.73 -61.43 4.99
C THR B 111 -22.90 -62.13 5.67
N VAL B 112 -24.03 -62.14 4.98
CA VAL B 112 -25.22 -62.78 5.49
C VAL B 112 -25.52 -64.00 4.64
N SER B 113 -25.55 -65.18 5.25
CA SER B 113 -25.52 -66.42 4.47
C SER B 113 -25.94 -67.70 5.20
N SER B 114 -26.82 -68.46 4.53
CA SER B 114 -27.24 -69.83 4.84
C SER B 114 -28.68 -69.92 5.25
N ASN C 33 -0.18 47.27 23.97
CA ASN C 33 -0.36 46.33 25.13
C ASN C 33 -0.10 44.80 24.91
N LEU C 34 0.60 44.15 25.83
CA LEU C 34 1.12 42.80 25.57
C LEU C 34 0.15 41.62 25.80
N SER C 35 -0.76 41.72 26.76
CA SER C 35 -1.80 40.67 26.92
C SER C 35 -2.58 40.50 25.61
N LYS C 36 -3.00 41.62 25.03
CA LYS C 36 -3.77 41.60 23.80
C LYS C 36 -2.94 41.05 22.66
N LEU C 37 -1.64 41.15 22.77
CA LEU C 37 -0.75 40.62 21.75
C LEU C 37 -0.53 39.11 21.86
N LEU C 38 -0.40 38.61 23.07
CA LEU C 38 -0.17 37.19 23.30
C LEU C 38 -1.45 36.37 23.13
N THR C 39 -2.59 37.04 23.16
CA THR C 39 -3.80 36.47 22.62
C THR C 39 -3.55 36.07 21.15
N ARG C 40 -3.47 37.05 20.25
CA ARG C 40 -3.25 36.80 18.79
C ARG C 40 -2.14 35.77 18.49
N TYR C 41 -1.05 35.78 19.23
CA TYR C 41 0.08 34.90 18.92
C TYR C 41 0.45 34.01 20.10
N SER C 42 -0.16 32.83 20.21
CA SER C 42 0.11 31.94 21.35
C SER C 42 1.53 31.49 21.38
N THR C 43 2.12 31.31 20.21
CA THR C 43 3.46 30.78 20.19
C THR C 43 4.46 31.75 20.81
N LEU C 44 4.17 33.06 20.77
CA LEU C 44 5.12 34.06 21.29
C LEU C 44 5.13 34.08 22.79
N ASN C 45 4.00 33.76 23.39
CA ASN C 45 3.96 33.57 24.81
C ASN C 45 4.83 32.38 25.21
N THR C 46 4.74 31.28 24.48
CA THR C 46 5.57 30.14 24.80
C THR C 46 7.05 30.53 24.63
N LEU C 47 7.35 31.30 23.60
CA LEU C 47 8.73 31.69 23.29
C LEU C 47 9.31 32.54 24.40
N ILE C 48 8.47 33.29 25.07
CA ILE C 48 8.96 34.18 26.09
C ILE C 48 9.23 33.38 27.35
N LYS C 49 8.32 32.50 27.68
CA LYS C 49 8.57 31.57 28.75
C LYS C 49 9.90 30.82 28.57
N LEU C 50 10.15 30.31 27.38
CA LEU C 50 11.34 29.53 27.13
C LEU C 50 12.59 30.38 27.34
N SER C 51 12.51 31.61 26.86
CA SER C 51 13.61 32.56 26.89
C SER C 51 14.06 33.02 28.27
N ALA C 52 13.23 32.78 29.27
CA ALA C 52 13.55 33.16 30.62
C ALA C 52 13.87 31.97 31.45
N ASP C 53 14.04 30.83 30.81
CA ASP C 53 14.24 29.59 31.53
C ASP C 53 15.60 28.99 31.13
N PRO C 54 16.57 28.98 32.03
CA PRO C 54 17.88 28.49 31.58
C PRO C 54 17.85 27.03 31.10
N SER C 55 16.96 26.24 31.68
CA SER C 55 16.80 24.88 31.24
C SER C 55 16.55 24.76 29.76
N ALA C 56 15.61 25.58 29.28
CA ALA C 56 15.21 25.56 27.90
C ALA C 56 16.26 26.18 26.98
N ILE C 57 16.94 27.20 27.48
CA ILE C 57 18.00 27.83 26.71
C ILE C 57 19.13 26.82 26.55
N ASN C 58 19.45 26.14 27.63
CA ASN C 58 20.53 25.18 27.57
C ASN C 58 20.21 24.00 26.67
N ALA C 59 18.96 23.57 26.71
CA ALA C 59 18.49 22.57 25.76
C ALA C 59 18.65 23.06 24.29
N ALA C 60 18.34 24.34 24.03
CA ALA C 60 18.51 24.88 22.68
C ALA C 60 19.98 24.92 22.28
N ARG C 61 20.85 25.25 23.22
CA ARG C 61 22.28 25.25 22.91
C ARG C 61 22.87 23.84 22.68
N GLU C 62 22.43 22.85 23.46
CA GLU C 62 22.73 21.47 23.14
C GLU C 62 22.28 21.16 21.72
N ASN C 63 21.03 21.44 21.40
CA ASN C 63 20.54 21.17 20.05
C ASN C 63 21.44 21.77 18.96
N LEU C 64 21.90 22.98 19.21
CA LEU C 64 22.80 23.62 18.29
C LEU C 64 24.12 22.88 18.12
N GLY C 65 24.63 22.25 19.16
CA GLY C 65 25.85 21.47 19.04
C GLY C 65 25.60 20.24 18.21
N ALA C 66 24.44 19.62 18.44
CA ALA C 66 24.09 18.39 17.76
C ALA C 66 23.84 18.62 16.28
N SER C 67 23.16 19.72 15.93
CA SER C 67 22.90 20.06 14.53
C SER C 67 24.17 20.56 13.81
N ALA C 68 25.05 21.24 14.54
CA ALA C 68 26.38 21.58 14.02
C ALA C 68 27.14 20.31 13.63
N LYS C 69 27.30 19.36 14.56
CA LYS C 69 27.90 18.07 14.22
C LYS C 69 27.22 17.50 12.96
N ASN C 70 25.88 17.47 12.91
CA ASN C 70 25.20 16.99 11.72
C ASN C 70 25.71 17.69 10.46
N LEU C 71 25.80 19.02 10.49
CA LEU C 71 26.16 19.77 9.30
C LEU C 71 27.65 19.65 8.92
N ILE C 72 28.54 19.99 9.85
CA ILE C 72 29.95 20.12 9.52
C ILE C 72 30.75 18.89 9.87
N GLY C 73 30.13 17.96 10.56
CA GLY C 73 30.86 16.78 11.04
C GLY C 73 30.47 15.47 10.40
N ASP C 74 29.31 15.43 9.75
CA ASP C 74 28.89 14.27 9.02
C ASP C 74 29.09 14.49 7.52
N THR C 75 28.91 13.37 6.84
CA THR C 75 28.94 13.31 5.41
C THR C 75 27.55 12.92 4.86
N LYS C 76 27.20 11.63 4.86
CA LYS C 76 25.97 11.23 4.19
C LYS C 76 24.80 12.10 4.67
N ASN C 77 24.67 12.25 5.97
CA ASN C 77 23.50 12.91 6.54
C ASN C 77 23.51 14.42 6.52
N SER C 78 24.55 15.03 6.00
CA SER C 78 24.65 16.47 5.95
C SER C 78 24.21 17.08 4.61
N PRO C 79 23.17 17.89 4.65
CA PRO C 79 22.80 18.63 3.47
C PRO C 79 23.93 19.47 2.95
N ALA C 80 24.71 20.02 3.85
CA ALA C 80 25.84 20.86 3.50
C ALA C 80 26.89 20.08 2.73
N TYR C 81 27.27 18.91 3.24
CA TYR C 81 28.20 18.05 2.53
C TYR C 81 27.67 17.69 1.16
N GLN C 82 26.39 17.32 1.08
CA GLN C 82 25.82 16.91 -0.21
C GLN C 82 25.79 18.04 -1.21
N ALA C 83 25.48 19.24 -0.75
CA ALA C 83 25.41 20.37 -1.68
C ALA C 83 26.80 20.72 -2.23
N VAL C 84 27.83 20.54 -1.43
CA VAL C 84 29.19 20.78 -1.85
C VAL C 84 29.66 19.72 -2.81
N LEU C 85 29.43 18.47 -2.46
CA LEU C 85 29.70 17.36 -3.36
C LEU C 85 28.95 17.56 -4.67
N LEU C 86 27.74 18.11 -4.62
CA LEU C 86 26.94 18.27 -5.84
C LEU C 86 27.52 19.35 -6.77
N ALA C 87 27.98 20.45 -6.19
CA ALA C 87 28.55 21.52 -6.98
C ALA C 87 29.81 21.07 -7.69
N ILE C 88 30.65 20.39 -6.95
CA ILE C 88 31.88 19.83 -7.47
C ILE C 88 31.58 18.81 -8.58
N ASN C 89 30.63 17.93 -8.34
CA ASN C 89 30.30 16.96 -9.37
C ASN C 89 29.70 17.56 -10.63
N ALA C 90 28.94 18.64 -10.51
CA ALA C 90 28.39 19.26 -11.68
C ALA C 90 29.52 19.79 -12.56
N ALA C 91 30.52 20.39 -11.95
CA ALA C 91 31.63 20.91 -12.70
C ALA C 91 32.37 19.78 -13.41
N VAL C 92 32.66 18.71 -12.68
CA VAL C 92 33.39 17.60 -13.25
C VAL C 92 32.59 17.00 -14.37
N GLY C 93 31.32 16.77 -14.11
CA GLY C 93 30.42 16.16 -15.11
C GLY C 93 30.27 17.03 -16.33
N PHE C 94 30.39 18.33 -16.14
CA PHE C 94 30.28 19.20 -17.29
C PHE C 94 31.37 18.87 -18.30
N TRP C 95 32.58 18.66 -17.82
CA TRP C 95 33.68 18.35 -18.71
C TRP C 95 33.63 16.88 -19.21
N ASN C 96 33.12 15.94 -18.40
CA ASN C 96 32.97 14.61 -18.93
C ASN C 96 31.98 14.59 -20.11
N VAL C 97 31.03 15.53 -20.15
CA VAL C 97 30.08 15.60 -21.28
C VAL C 97 30.70 16.18 -22.55
N LEU C 98 31.49 17.24 -22.40
CA LEU C 98 31.96 17.99 -23.56
C LEU C 98 33.47 17.90 -23.85
N GLY C 99 34.28 17.48 -22.89
CA GLY C 99 35.71 17.34 -23.12
C GLY C 99 36.03 16.70 -24.45
N TYR C 100 35.50 15.53 -24.70
CA TYR C 100 35.86 14.81 -25.92
C TYR C 100 35.63 15.59 -27.20
N ALA C 101 34.70 16.55 -27.19
CA ALA C 101 34.32 17.28 -28.42
C ALA C 101 35.08 18.55 -28.58
N THR C 102 36.00 18.82 -27.68
CA THR C 102 36.54 20.14 -27.54
C THR C 102 37.89 20.15 -28.19
N GLN C 103 38.13 21.12 -29.05
CA GLN C 103 39.37 21.13 -29.81
C GLN C 103 40.45 21.74 -28.94
N CYS C 104 41.67 21.29 -29.15
CA CYS C 104 42.83 21.95 -28.55
C CYS C 104 44.06 21.63 -29.38
N GLY C 105 45.10 22.45 -29.21
CA GLY C 105 46.27 22.28 -30.00
C GLY C 105 47.21 23.45 -29.94
N GLY C 106 48.09 23.47 -30.93
CA GLY C 106 49.13 24.47 -30.95
C GLY C 106 50.24 24.23 -29.95
N ASN C 107 51.04 25.26 -29.77
CA ASN C 107 52.27 25.21 -29.04
C ASN C 107 52.14 26.00 -27.75
N ALA C 108 53.29 26.22 -27.13
CA ALA C 108 53.41 26.59 -25.72
C ALA C 108 53.12 28.05 -25.40
N ASN C 109 53.14 28.92 -26.42
CA ASN C 109 52.84 30.34 -26.23
C ASN C 109 51.41 30.63 -26.58
N GLY C 110 50.57 29.59 -26.72
CA GLY C 110 49.24 29.72 -27.30
C GLY C 110 49.21 29.95 -28.80
N GLN C 111 50.30 29.72 -29.52
CA GLN C 111 50.32 29.96 -30.98
C GLN C 111 50.04 28.69 -31.79
N GLU C 112 49.64 28.85 -33.04
CA GLU C 112 49.47 27.70 -33.93
C GLU C 112 50.70 26.81 -33.99
N SER C 113 50.47 25.51 -34.10
CA SER C 113 51.56 24.54 -34.35
C SER C 113 51.50 24.02 -35.79
N THR C 114 52.64 23.60 -36.31
CA THR C 114 52.67 22.93 -37.62
C THR C 114 52.27 21.47 -37.50
N SER C 115 52.76 20.80 -36.47
CA SER C 115 52.57 19.36 -36.36
C SER C 115 52.78 18.85 -34.95
N SER C 116 51.95 19.38 -34.03
CA SER C 116 52.00 18.99 -32.62
C SER C 116 50.82 18.15 -32.19
N THR C 117 51.12 17.02 -31.57
CA THR C 117 50.15 16.16 -30.96
C THR C 117 50.56 16.14 -29.49
N THR C 118 49.64 16.59 -28.63
CA THR C 118 49.84 16.59 -27.19
C THR C 118 48.69 15.86 -26.52
N ILE C 119 48.99 14.76 -25.83
CA ILE C 119 47.94 13.88 -25.34
C ILE C 119 47.92 13.91 -23.82
N PHE C 120 46.76 14.19 -23.26
CA PHE C 120 46.58 14.20 -21.82
C PHE C 120 45.86 12.95 -21.34
N ASN C 121 46.46 12.27 -20.36
CA ASN C 121 45.94 10.98 -19.93
C ASN C 121 44.95 11.13 -18.80
N ASN C 122 44.19 10.06 -18.62
CA ASN C 122 43.09 10.04 -17.69
C ASN C 122 42.22 11.28 -17.91
N GLU C 123 41.80 11.47 -19.16
CA GLU C 123 40.82 12.50 -19.58
C GLU C 123 39.75 11.80 -20.46
N PRO C 124 38.51 12.28 -20.44
CA PRO C 124 37.40 11.57 -21.11
C PRO C 124 37.22 11.86 -22.60
N GLY C 125 38.04 11.20 -23.39
CA GLY C 125 38.15 11.42 -24.82
C GLY C 125 37.25 10.51 -25.60
N TYR C 126 37.19 10.73 -26.91
CA TYR C 126 36.33 9.94 -27.74
C TYR C 126 36.87 8.52 -27.69
N ARG C 127 36.06 7.61 -27.14
CA ARG C 127 36.39 6.17 -27.09
C ARG C 127 37.80 5.97 -26.62
N SER C 128 38.14 6.69 -25.55
CA SER C 128 39.48 6.71 -25.07
C SER C 128 39.55 7.36 -23.67
N THR C 129 40.53 6.91 -22.88
CA THR C 129 40.83 7.51 -21.59
C THR C 129 41.86 8.61 -21.67
N SER C 130 42.11 9.12 -22.88
CA SER C 130 42.96 10.29 -23.11
C SER C 130 42.29 11.30 -24.06
N ILE C 131 42.71 12.55 -23.95
CA ILE C 131 42.25 13.61 -24.83
C ILE C 131 43.45 14.09 -25.57
N THR C 132 43.28 14.23 -26.88
CA THR C 132 44.38 14.47 -27.82
C THR C 132 44.19 15.82 -28.41
N CYS C 133 45.18 16.67 -28.18
CA CYS C 133 45.20 18.04 -28.65
C CYS C 133 46.12 18.10 -29.84
N SER C 134 45.55 17.90 -31.03
CA SER C 134 46.36 17.77 -32.21
C SER C 134 45.78 18.56 -33.36
N LEU C 135 45.19 19.69 -33.05
CA LEU C 135 44.66 20.57 -34.09
C LEU C 135 45.71 21.62 -34.47
N ASN C 136 46.24 21.47 -35.67
CA ASN C 136 47.32 22.31 -36.11
C ASN C 136 46.81 23.45 -36.96
N ARG C 137 47.69 24.43 -37.16
CA ARG C 137 47.47 25.55 -38.08
C ARG C 137 46.47 26.56 -37.57
N TYR C 138 45.35 26.12 -37.01
CA TYR C 138 44.37 27.04 -36.47
C TYR C 138 44.89 27.75 -35.23
N LYS C 139 44.63 29.03 -35.14
CA LYS C 139 45.04 29.80 -33.98
C LYS C 139 44.23 29.43 -32.77
N PRO C 140 44.92 29.04 -31.68
CA PRO C 140 44.24 28.85 -30.40
C PRO C 140 43.60 30.14 -30.01
N GLY C 141 42.50 30.02 -29.29
CA GLY C 141 41.81 31.17 -28.80
C GLY C 141 40.32 30.92 -28.71
N TYR C 142 39.59 32.03 -28.61
CA TYR C 142 38.16 32.04 -28.46
C TYR C 142 37.51 31.48 -29.74
N TYR C 143 36.60 30.53 -29.59
CA TYR C 143 35.95 29.88 -30.74
C TYR C 143 37.02 29.27 -31.62
N GLY C 144 38.13 28.85 -31.00
CA GLY C 144 39.20 28.13 -31.69
C GLY C 144 39.60 26.94 -30.81
N PRO C 145 40.75 26.33 -31.11
CA PRO C 145 41.26 25.34 -30.18
C PRO C 145 41.70 25.94 -28.84
N MET C 146 41.48 25.19 -27.76
CA MET C 146 42.00 25.58 -26.47
C MET C 146 43.52 25.49 -26.55
N SER C 147 44.20 26.52 -26.06
CA SER C 147 45.64 26.51 -25.94
C SER C 147 46.06 25.40 -24.98
N ILE C 148 47.30 24.94 -25.14
CA ILE C 148 47.85 23.94 -24.25
C ILE C 148 48.05 24.55 -22.87
N GLU C 149 48.37 25.83 -22.81
CA GLU C 149 48.44 26.52 -21.51
C GLU C 149 47.14 26.38 -20.71
N ASN C 150 46.01 26.60 -21.40
CA ASN C 150 44.72 26.46 -20.77
C ASN C 150 44.39 25.01 -20.45
N PHE C 151 44.68 24.11 -21.38
CA PHE C 151 44.38 22.72 -21.15
C PHE C 151 45.17 22.18 -19.94
N LYS C 152 46.41 22.61 -19.76
CA LYS C 152 47.16 22.19 -18.56
C LYS C 152 46.49 22.64 -17.25
N LYS C 153 45.99 23.87 -17.22
CA LYS C 153 45.34 24.43 -16.06
C LYS C 153 44.06 23.62 -15.81
N LEU C 154 43.27 23.44 -16.87
CA LEU C 154 42.03 22.66 -16.77
C LEU C 154 42.31 21.27 -16.29
N ASN C 155 43.21 20.59 -17.00
CA ASN C 155 43.59 19.22 -16.66
C ASN C 155 44.01 19.06 -15.21
N GLU C 156 44.91 19.93 -14.72
CA GLU C 156 45.42 19.79 -13.33
C GLU C 156 44.24 19.83 -12.34
N ALA C 157 43.38 20.83 -12.47
CA ALA C 157 42.18 20.91 -11.66
C ALA C 157 41.36 19.61 -11.78
N TYR C 158 41.26 19.05 -12.98
CA TYR C 158 40.41 17.88 -13.19
C TYR C 158 41.03 16.67 -12.52
N GLN C 159 42.35 16.52 -12.60
CA GLN C 159 42.98 15.34 -12.02
C GLN C 159 42.87 15.38 -10.50
N ILE C 160 42.99 16.58 -9.93
CA ILE C 160 42.86 16.73 -8.48
C ILE C 160 41.44 16.36 -8.01
N LEU C 161 40.45 16.92 -8.71
CA LEU C 161 39.06 16.68 -8.36
C LEU C 161 38.67 15.24 -8.50
N GLN C 162 39.09 14.61 -9.58
CA GLN C 162 38.73 13.21 -9.76
C GLN C 162 39.45 12.32 -8.71
N THR C 163 40.61 12.74 -8.24
CA THR C 163 41.31 11.97 -7.21
C THR C 163 40.57 12.11 -5.89
N ALA C 164 40.21 13.35 -5.53
CA ALA C 164 39.51 13.60 -4.27
C ALA C 164 38.19 12.84 -4.21
N LEU C 165 37.39 12.98 -5.26
CA LEU C 165 36.08 12.33 -5.34
C LEU C 165 36.23 10.84 -5.17
N ASN C 166 37.25 10.29 -5.80
CA ASN C 166 37.53 8.88 -5.70
C ASN C 166 37.86 8.46 -4.29
N LYS C 167 38.63 9.24 -3.56
CA LYS C 167 39.00 8.90 -2.18
C LYS C 167 37.79 9.10 -1.24
N GLY C 168 37.04 10.19 -1.47
CA GLY C 168 35.91 10.59 -0.64
C GLY C 168 36.24 11.93 -0.06
N LEU C 169 35.30 12.85 -0.08
CA LEU C 169 35.51 14.20 0.46
C LEU C 169 35.33 14.14 1.93
N PRO C 170 36.15 14.87 2.70
CA PRO C 170 35.95 14.80 4.14
C PRO C 170 34.79 15.67 4.56
N ALA C 171 34.37 15.51 5.81
CA ALA C 171 33.33 16.33 6.36
C ALA C 171 33.81 17.75 6.27
N LEU C 172 32.88 18.72 6.24
CA LEU C 172 33.27 20.12 6.05
C LEU C 172 34.25 20.63 7.10
N LYS C 173 34.15 20.12 8.33
CA LYS C 173 34.97 20.62 9.42
C LYS C 173 36.41 20.15 9.33
N GLU C 174 36.73 19.22 8.46
CA GLU C 174 38.10 18.72 8.34
C GLU C 174 38.90 19.51 7.30
N ASN C 175 39.68 20.48 7.76
CA ASN C 175 40.48 21.32 6.87
C ASN C 175 41.94 20.90 6.68
N ASN C 176 42.39 19.77 7.21
CA ASN C 176 43.81 19.42 7.04
C ASN C 176 44.05 18.13 6.31
N GLY C 177 43.04 17.59 5.65
CA GLY C 177 43.29 16.45 4.80
C GLY C 177 44.06 16.91 3.57
N THR C 178 44.83 15.99 3.01
CA THR C 178 45.51 16.22 1.75
C THR C 178 45.24 15.02 0.88
N VAL C 179 45.66 15.09 -0.36
CA VAL C 179 45.62 13.93 -1.22
C VAL C 179 46.80 13.90 -2.19
N SER C 180 47.13 12.72 -2.68
CA SER C 180 48.25 12.61 -3.62
C SER C 180 47.74 12.43 -5.05
N VAL C 181 48.23 13.25 -5.99
CA VAL C 181 47.73 13.26 -7.37
C VAL C 181 48.84 13.07 -8.37
N THR C 182 48.64 12.13 -9.30
CA THR C 182 49.61 11.82 -10.34
C THR C 182 48.98 11.82 -11.72
N TYR C 183 49.65 12.44 -12.68
CA TYR C 183 49.08 12.51 -14.02
C TYR C 183 50.15 12.76 -15.05
N THR C 184 49.87 12.31 -16.26
CA THR C 184 50.88 12.28 -17.30
C THR C 184 50.34 12.85 -18.60
N TYR C 185 51.21 13.47 -19.39
CA TYR C 185 50.84 13.80 -20.77
C TYR C 185 52.02 13.58 -21.68
N THR C 186 51.75 13.40 -22.97
CA THR C 186 52.81 13.13 -23.95
C THR C 186 52.81 14.11 -25.13
N CYS C 187 53.99 14.38 -25.65
CA CYS C 187 54.20 15.32 -26.77
C CYS C 187 54.96 14.61 -27.88
N SER C 188 54.45 14.75 -29.10
CA SER C 188 55.15 14.28 -30.29
C SER C 188 54.95 15.22 -31.44
N GLY C 189 55.69 14.96 -32.51
CA GLY C 189 55.58 15.70 -33.75
C GLY C 189 56.66 16.75 -33.82
N GLU C 190 57.16 17.00 -35.02
CA GLU C 190 58.26 17.95 -35.22
C GLU C 190 57.86 19.30 -34.67
N GLY C 191 58.74 19.91 -33.90
CA GLY C 191 58.54 21.27 -33.44
C GLY C 191 57.63 21.42 -32.24
N ASN C 192 57.18 20.31 -31.65
CA ASN C 192 56.25 20.39 -30.51
C ASN C 192 57.02 20.78 -29.24
N ASP C 193 56.78 21.98 -28.74
CA ASP C 193 57.55 22.51 -27.62
C ASP C 193 56.81 22.44 -26.25
N ASN C 194 55.73 21.66 -26.20
CA ASN C 194 54.96 21.54 -24.95
C ASN C 194 55.57 20.65 -23.86
N CYS C 195 56.65 19.94 -24.19
CA CYS C 195 57.32 19.05 -23.24
C CYS C 195 58.80 19.37 -23.05
N LEU C 196 59.26 20.49 -23.59
CA LEU C 196 60.67 20.74 -23.39
C LEU C 196 61.01 21.50 -22.07
N PRO C 197 62.24 21.33 -21.59
CA PRO C 197 62.75 21.99 -20.41
C PRO C 197 62.18 23.36 -20.14
N LYS C 198 62.27 24.28 -21.10
CA LYS C 198 61.75 25.64 -20.92
C LYS C 198 60.35 25.69 -20.28
N VAL C 199 59.40 24.87 -20.76
CA VAL C 199 58.04 24.89 -20.16
C VAL C 199 57.84 23.93 -19.00
N THR C 200 58.57 22.83 -19.00
CA THR C 200 58.43 21.85 -17.97
C THR C 200 59.17 22.26 -16.67
N GLY C 201 60.27 22.99 -16.79
CA GLY C 201 61.06 23.38 -15.62
C GLY C 201 62.20 22.41 -15.30
N VAL C 202 62.14 21.24 -15.91
CA VAL C 202 63.14 20.20 -15.81
C VAL C 202 64.46 20.59 -16.47
N ASP C 203 65.58 20.21 -15.84
CA ASP C 203 66.89 20.26 -16.48
C ASP C 203 67.03 18.91 -17.18
N ASN C 204 66.93 18.89 -18.50
CA ASN C 204 67.04 17.65 -19.34
C ASN C 204 65.74 16.88 -19.54
N GLN C 205 65.24 16.85 -20.76
CA GLN C 205 64.26 15.86 -21.14
C GLN C 205 64.96 14.54 -21.00
N ASN C 206 64.21 13.45 -21.08
CA ASN C 206 64.79 12.11 -20.96
C ASN C 206 65.66 11.96 -19.70
N GLY C 207 65.05 11.43 -18.63
CA GLY C 207 65.55 11.61 -17.26
C GLY C 207 64.91 12.84 -16.65
N GLY C 208 64.30 12.74 -15.47
CA GLY C 208 63.66 13.90 -14.81
C GLY C 208 64.77 14.79 -14.33
N THR C 209 64.54 15.68 -13.35
CA THR C 209 63.31 15.87 -12.62
C THR C 209 63.39 17.27 -12.06
N LYS C 210 62.32 17.74 -11.43
CA LYS C 210 62.36 18.98 -10.70
C LYS C 210 61.36 18.86 -9.55
N THR C 211 61.80 19.17 -8.34
CA THR C 211 60.87 19.30 -7.23
C THR C 211 60.68 20.77 -6.90
N LYS C 212 59.43 21.24 -6.90
CA LYS C 212 59.13 22.59 -6.39
C LYS C 212 58.06 22.49 -5.33
N THR C 213 58.16 23.34 -4.30
CA THR C 213 57.17 23.44 -3.19
C THR C 213 56.47 24.77 -3.20
N GLN C 214 55.19 24.75 -2.82
CA GLN C 214 54.32 25.89 -3.00
C GLN C 214 53.48 25.99 -1.75
N THR C 215 53.30 27.22 -1.27
CA THR C 215 52.70 27.43 0.03
C THR C 215 51.28 28.04 -0.05
N ILE C 216 50.25 27.18 -0.12
CA ILE C 216 48.82 27.64 -0.11
C ILE C 216 48.37 27.93 1.36
N ASP C 217 47.87 29.15 1.61
CA ASP C 217 47.49 29.62 2.97
C ASP C 217 48.44 29.20 4.11
N GLY C 218 48.18 28.06 4.78
CA GLY C 218 49.10 27.54 5.78
C GLY C 218 49.80 26.21 5.47
N LYS C 219 49.68 25.70 4.25
CA LYS C 219 50.11 24.34 3.90
C LYS C 219 51.11 24.27 2.72
N THR C 220 52.13 23.43 2.86
CA THR C 220 53.13 23.15 1.79
C THR C 220 52.71 22.02 0.80
N VAL C 221 52.70 22.30 -0.49
CA VAL C 221 52.34 21.31 -1.50
C VAL C 221 53.55 21.01 -2.37
N THR C 222 54.08 19.79 -2.30
CA THR C 222 55.24 19.41 -3.10
C THR C 222 54.86 18.87 -4.46
N THR C 223 55.54 19.32 -5.51
CA THR C 223 55.29 18.86 -6.87
C THR C 223 56.56 18.25 -7.43
N THR C 224 56.46 17.06 -7.98
CA THR C 224 57.60 16.43 -8.63
C THR C 224 57.31 16.23 -10.09
N ILE C 225 58.17 16.80 -10.92
CA ILE C 225 58.03 16.79 -12.36
C ILE C 225 59.17 15.97 -12.93
N SER C 226 58.86 15.01 -13.79
CA SER C 226 59.91 14.19 -14.39
C SER C 226 59.61 13.93 -15.86
N SER C 227 60.67 13.97 -16.67
CA SER C 227 60.57 13.92 -18.12
C SER C 227 61.28 12.65 -18.55
N LYS C 228 60.93 12.17 -19.73
CA LYS C 228 61.41 10.89 -20.19
C LYS C 228 61.11 10.77 -21.69
N VAL C 229 62.09 10.34 -22.48
CA VAL C 229 61.90 10.21 -23.93
C VAL C 229 61.91 8.75 -24.36
N VAL C 230 60.86 8.33 -25.07
CA VAL C 230 60.81 7.03 -25.74
C VAL C 230 60.92 7.28 -27.25
N ASP C 231 61.79 6.50 -27.89
CA ASP C 231 62.16 6.68 -29.28
C ASP C 231 61.16 5.99 -30.22
N SER C 232 61.00 6.55 -31.41
CA SER C 232 60.42 5.80 -32.50
C SER C 232 61.30 4.56 -32.59
N GLN C 233 60.75 3.34 -32.77
CA GLN C 233 61.57 2.09 -32.92
C GLN C 233 62.06 1.52 -31.56
N ALA C 234 61.33 1.81 -30.50
CA ALA C 234 61.73 1.41 -29.15
C ALA C 234 60.83 0.29 -28.66
N LYS C 235 61.43 -0.66 -27.95
CA LYS C 235 60.76 -1.86 -27.39
C LYS C 235 59.39 -1.57 -26.72
N GLY C 236 58.31 -1.85 -27.44
CA GLY C 236 56.96 -1.74 -26.90
C GLY C 236 56.38 -0.36 -27.13
N ASN C 237 56.82 0.27 -28.21
CA ASN C 237 56.30 1.59 -28.57
C ASN C 237 55.07 1.38 -29.45
N THR C 238 53.94 1.15 -28.80
CA THR C 238 52.64 0.98 -29.46
C THR C 238 52.46 2.09 -30.51
N THR C 239 52.24 3.31 -30.04
CA THR C 239 52.08 4.50 -30.91
C THR C 239 52.97 4.63 -32.16
N ARG C 240 54.17 4.05 -32.16
CA ARG C 240 55.00 3.93 -33.39
C ARG C 240 56.03 5.06 -33.56
N VAL C 241 55.62 6.28 -33.21
CA VAL C 241 56.45 7.51 -33.30
C VAL C 241 57.13 7.91 -31.98
N SER C 242 58.19 8.69 -32.13
CA SER C 242 58.99 9.24 -31.04
C SER C 242 58.20 10.23 -30.17
N TYR C 243 58.38 10.17 -28.86
CA TYR C 243 57.68 11.11 -27.97
C TYR C 243 58.33 11.37 -26.60
N THR C 244 57.82 12.41 -25.93
CA THR C 244 58.28 12.80 -24.59
C THR C 244 57.12 12.67 -23.60
N GLU C 245 57.36 12.10 -22.42
CA GLU C 245 56.30 11.90 -21.43
C GLU C 245 56.60 12.67 -20.17
N ILE C 246 55.64 13.48 -19.75
CA ILE C 246 55.83 14.29 -18.56
C ILE C 246 54.92 13.77 -17.46
N THR C 247 55.52 13.58 -16.28
CA THR C 247 54.83 13.10 -15.11
C THR C 247 54.79 14.23 -14.11
N ASN C 248 53.63 14.44 -13.50
CA ASN C 248 53.51 15.37 -12.40
C ASN C 248 52.99 14.61 -11.21
N LYS C 249 53.72 14.70 -10.10
CA LYS C 249 53.29 14.10 -8.85
C LYS C 249 53.17 15.22 -7.83
N LEU C 250 51.95 15.40 -7.31
CA LEU C 250 51.63 16.43 -6.30
C LEU C 250 51.30 15.76 -4.98
N ASP C 251 52.08 16.02 -3.92
CA ASP C 251 51.79 15.48 -2.57
C ASP C 251 51.29 16.61 -1.68
N GLY C 252 50.47 16.30 -0.68
CA GLY C 252 50.06 17.35 0.27
C GLY C 252 49.02 18.32 -0.27
N VAL C 253 48.34 17.93 -1.35
CA VAL C 253 47.31 18.78 -1.94
C VAL C 253 46.10 18.81 -1.05
N PRO C 254 45.71 20.00 -0.54
CA PRO C 254 44.57 20.11 0.38
C PRO C 254 43.27 19.59 -0.22
N ASP C 255 42.55 18.73 0.51
CA ASP C 255 41.27 18.19 0.03
C ASP C 255 40.05 18.78 0.78
N SER C 256 40.23 19.91 1.47
CA SER C 256 39.11 20.53 2.18
C SER C 256 38.03 20.94 1.18
N ALA C 257 36.83 21.19 1.64
CA ALA C 257 35.79 21.70 0.74
C ALA C 257 36.16 23.03 0.09
N GLN C 258 36.71 23.98 0.85
CA GLN C 258 37.04 25.27 0.26
C GLN C 258 38.08 25.02 -0.88
N ALA C 259 39.09 24.19 -0.63
CA ALA C 259 40.13 23.96 -1.66
C ALA C 259 39.57 23.32 -2.91
N LEU C 260 38.82 22.23 -2.76
CA LEU C 260 38.23 21.53 -3.93
C LEU C 260 37.25 22.41 -4.68
N LEU C 261 36.48 23.24 -3.96
CA LEU C 261 35.63 24.19 -4.64
C LEU C 261 36.47 25.19 -5.43
N ALA C 262 37.65 25.57 -4.94
CA ALA C 262 38.48 26.47 -5.74
C ALA C 262 38.94 25.73 -7.04
N GLN C 263 39.14 24.41 -6.93
CA GLN C 263 39.54 23.64 -8.10
C GLN C 263 38.42 23.53 -9.14
N ALA C 264 37.19 23.22 -8.72
CA ALA C 264 36.07 23.28 -9.67
C ALA C 264 35.85 24.70 -10.27
N SER C 265 36.12 25.74 -9.50
CA SER C 265 35.99 27.06 -10.05
C SER C 265 36.98 27.23 -11.21
N THR C 266 38.23 26.85 -11.03
CA THR C 266 39.26 26.93 -12.06
C THR C 266 38.83 26.13 -13.31
N LEU C 267 38.20 25.00 -13.09
CA LEU C 267 37.85 24.13 -14.18
C LEU C 267 36.84 24.79 -15.04
N ILE C 268 35.75 25.19 -14.43
CA ILE C 268 34.64 25.72 -15.18
C ILE C 268 34.94 27.14 -15.69
N ASN C 269 35.72 27.91 -14.97
CA ASN C 269 36.12 29.22 -15.46
C ASN C 269 37.16 29.15 -16.57
N THR C 270 38.04 28.16 -16.51
CA THR C 270 39.04 28.04 -17.54
C THR C 270 38.35 27.74 -18.87
N ILE C 271 37.38 26.84 -18.83
CA ILE C 271 36.56 26.50 -19.96
C ILE C 271 35.77 27.70 -20.45
N ASN C 272 35.13 28.40 -19.54
CA ASN C 272 34.29 29.49 -19.96
C ASN C 272 35.09 30.66 -20.55
N THR C 273 36.29 30.92 -20.02
CA THR C 273 37.15 32.01 -20.45
C THR C 273 37.88 31.63 -21.74
N ALA C 274 38.37 30.40 -21.84
CA ALA C 274 39.05 29.96 -23.07
C ALA C 274 38.02 29.76 -24.16
N CYS C 275 36.81 29.37 -23.77
CA CYS C 275 35.67 29.28 -24.66
C CYS C 275 36.02 28.68 -26.04
N PRO C 276 36.50 27.45 -26.06
CA PRO C 276 36.94 26.87 -27.32
C PRO C 276 35.84 26.29 -28.20
N TYR C 277 36.20 26.04 -29.45
CA TYR C 277 35.34 25.42 -30.40
C TYR C 277 35.17 23.99 -30.04
N PHE C 278 33.94 23.52 -30.11
CA PHE C 278 33.65 22.11 -29.98
C PHE C 278 32.80 21.65 -31.16
N SER C 279 32.91 20.35 -31.49
CA SER C 279 31.87 19.69 -32.28
C SER C 279 31.66 18.23 -31.78
N VAL C 280 30.41 17.79 -31.80
CA VAL C 280 30.02 16.53 -31.21
C VAL C 280 29.62 15.50 -32.22
N THR C 281 29.76 14.25 -31.78
CA THR C 281 29.16 13.07 -32.39
C THR C 281 27.88 12.71 -31.62
N ASN C 282 26.71 12.93 -32.23
CA ASN C 282 25.49 12.36 -31.67
C ASN C 282 25.38 10.89 -32.09
N LYS C 283 25.13 10.02 -31.12
CA LYS C 283 24.90 8.58 -31.37
C LYS C 283 23.48 8.35 -31.90
N SER C 284 23.19 7.10 -32.26
CA SER C 284 21.86 6.64 -32.63
C SER C 284 21.14 5.86 -31.50
N GLY C 285 19.84 6.06 -31.26
CA GLY C 285 19.16 7.32 -31.36
C GLY C 285 19.31 7.98 -30.00
N GLY C 286 19.90 7.29 -29.01
CA GLY C 286 20.37 7.91 -27.77
C GLY C 286 19.68 9.20 -27.31
N PRO C 287 20.47 10.20 -26.88
CA PRO C 287 19.98 11.56 -26.69
C PRO C 287 20.60 12.49 -27.73
N GLN C 288 19.91 13.57 -28.08
CA GLN C 288 20.41 14.49 -29.11
C GLN C 288 20.94 15.77 -28.49
N MET C 289 22.18 16.11 -28.85
CA MET C 289 22.88 17.30 -28.36
C MET C 289 22.86 18.38 -29.41
N GLU C 290 22.08 19.42 -29.15
CA GLU C 290 22.13 20.64 -29.93
C GLU C 290 22.84 21.73 -29.09
N PRO C 291 23.56 22.66 -29.75
CA PRO C 291 23.85 22.58 -31.20
C PRO C 291 24.94 21.54 -31.38
N THR C 292 25.23 21.13 -32.60
CA THR C 292 26.28 20.12 -32.80
C THR C 292 27.70 20.72 -32.79
N ARG C 293 27.84 21.86 -33.45
CA ARG C 293 29.08 22.63 -33.56
C ARG C 293 28.85 23.90 -32.76
N GLY C 294 29.93 24.57 -32.39
CA GLY C 294 29.83 25.89 -31.76
C GLY C 294 30.99 26.16 -30.82
N LYS C 295 30.75 26.99 -29.79
CA LYS C 295 31.75 27.31 -28.80
C LYS C 295 31.25 26.98 -27.38
N LEU C 296 32.17 26.75 -26.46
CA LEU C 296 31.83 26.09 -25.24
C LEU C 296 31.15 27.06 -24.27
N CYS C 297 31.54 28.32 -24.27
CA CYS C 297 30.84 29.31 -23.43
C CYS C 297 29.38 29.58 -23.91
N GLY C 298 29.05 29.07 -25.11
CA GLY C 298 27.69 29.09 -25.64
C GLY C 298 26.67 28.29 -24.86
N PHE C 299 27.11 27.41 -23.97
CA PHE C 299 26.23 26.79 -22.96
C PHE C 299 26.14 27.74 -21.78
N THR C 300 25.52 28.90 -21.98
CA THR C 300 25.48 29.94 -20.95
C THR C 300 24.67 29.51 -19.75
N GLU C 301 23.48 28.97 -19.97
CA GLU C 301 22.64 28.56 -18.86
C GLU C 301 23.32 27.57 -17.93
N GLU C 302 23.90 26.53 -18.53
CA GLU C 302 24.59 25.43 -17.83
C GLU C 302 25.82 25.94 -17.10
N ILE C 303 26.62 26.78 -17.74
CA ILE C 303 27.81 27.31 -17.09
C ILE C 303 27.48 28.27 -15.92
N SER C 304 26.55 29.21 -16.15
CA SER C 304 26.05 30.10 -15.10
C SER C 304 25.60 29.30 -13.93
N ALA C 305 24.87 28.23 -14.21
CA ALA C 305 24.32 27.40 -13.15
C ALA C 305 25.43 26.80 -12.32
N ILE C 306 26.39 26.18 -13.00
CA ILE C 306 27.51 25.56 -12.31
C ILE C 306 28.28 26.59 -11.49
N GLN C 307 28.51 27.76 -12.06
CA GLN C 307 29.17 28.85 -11.33
C GLN C 307 28.40 29.28 -10.12
N LYS C 308 27.09 29.26 -10.21
CA LYS C 308 26.29 29.74 -9.12
C LYS C 308 26.35 28.72 -8.03
N MET C 309 26.27 27.47 -8.43
CA MET C 309 26.38 26.38 -7.46
C MET C 309 27.67 26.48 -6.65
N ILE C 310 28.77 26.63 -7.37
CA ILE C 310 30.06 26.82 -6.74
C ILE C 310 30.05 28.07 -5.83
N THR C 311 29.53 29.20 -6.31
CA THR C 311 29.49 30.41 -5.47
C THR C 311 28.69 30.20 -4.17
N ASP C 312 27.54 29.53 -4.26
CA ASP C 312 26.70 29.23 -3.11
C ASP C 312 27.35 28.19 -2.17
N ALA C 313 28.05 27.22 -2.73
CA ALA C 313 28.79 26.27 -1.92
C ALA C 313 29.94 26.92 -1.15
N GLN C 314 30.60 27.90 -1.75
CA GLN C 314 31.70 28.57 -1.08
C GLN C 314 31.16 29.38 0.09
N GLU C 315 30.04 30.08 -0.12
CA GLU C 315 29.40 30.87 0.93
C GLU C 315 28.95 29.97 2.07
N LEU C 316 28.36 28.87 1.68
CA LEU C 316 27.90 27.88 2.63
C LEU C 316 29.08 27.37 3.49
N VAL C 317 30.22 27.05 2.87
CA VAL C 317 31.34 26.54 3.64
C VAL C 317 31.89 27.63 4.55
N ASN C 318 31.82 28.86 4.08
CA ASN C 318 32.18 30.01 4.94
C ASN C 318 31.48 30.07 6.30
N GLN C 319 30.24 29.59 6.39
CA GLN C 319 29.53 29.58 7.68
C GLN C 319 30.18 28.69 8.78
N THR C 320 30.98 27.70 8.37
CA THR C 320 31.67 26.78 9.28
C THR C 320 32.44 27.57 10.35
N SER C 321 33.12 28.65 9.96
CA SER C 321 33.94 29.41 10.93
C SER C 321 33.07 30.12 11.92
N VAL C 322 31.91 30.60 11.46
CA VAL C 322 30.96 31.30 12.34
C VAL C 322 30.46 30.34 13.44
N ILE C 323 30.09 29.16 13.01
CA ILE C 323 29.76 28.11 13.96
C ILE C 323 30.89 27.76 14.94
N ASN C 324 32.10 27.58 14.43
CA ASN C 324 33.25 27.22 15.27
C ASN C 324 33.57 28.28 16.29
N GLU C 325 33.57 29.51 15.83
CA GLU C 325 33.85 30.70 16.63
C GLU C 325 32.80 30.89 17.74
N HIS C 326 31.57 30.44 17.53
CA HIS C 326 30.50 30.63 18.52
C HIS C 326 29.97 29.32 19.09
N GLU C 327 30.88 28.52 19.65
CA GLU C 327 30.53 27.28 20.36
C GLU C 327 29.45 27.59 21.40
N GLN C 328 28.56 26.62 21.59
CA GLN C 328 27.39 26.78 22.43
C GLN C 328 27.38 25.77 23.58
N SER C 329 28.53 25.38 24.10
CA SER C 329 28.50 24.23 25.06
C SER C 329 28.70 24.60 26.50
N THR C 330 29.07 25.84 26.78
CA THR C 330 29.11 26.32 28.16
C THR C 330 27.67 26.53 28.64
N PRO C 331 27.26 25.79 29.68
CA PRO C 331 25.90 26.00 30.18
C PRO C 331 25.74 27.39 30.80
N VAL C 332 24.57 27.99 30.63
CA VAL C 332 24.30 29.36 31.10
C VAL C 332 23.24 29.38 32.17
N GLY C 333 23.18 30.51 32.88
CA GLY C 333 22.25 30.65 34.00
C GLY C 333 22.46 31.98 34.67
N GLY C 334 21.91 32.14 35.88
CA GLY C 334 22.06 33.41 36.60
C GLY C 334 23.48 33.73 37.06
N ASN C 335 23.68 34.94 37.57
CA ASN C 335 24.92 35.26 38.22
C ASN C 335 24.75 35.11 39.75
N ASN C 336 25.90 35.07 40.43
CA ASN C 336 26.02 35.07 41.91
C ASN C 336 24.84 34.41 42.67
N GLY C 337 24.51 33.18 42.29
CA GLY C 337 23.39 32.44 42.88
C GLY C 337 22.01 33.00 42.59
N LYS C 338 21.90 34.19 41.97
CA LYS C 338 20.60 34.82 41.75
C LYS C 338 19.91 34.17 40.57
N PRO C 339 18.55 34.21 40.55
CA PRO C 339 17.80 33.71 39.40
C PRO C 339 18.15 34.42 38.11
N PHE C 340 17.94 33.74 36.99
CA PHE C 340 18.35 34.23 35.67
C PHE C 340 17.58 35.48 35.35
N ASN C 341 18.29 36.48 34.83
CA ASN C 341 17.66 37.70 34.40
C ASN C 341 17.79 37.90 32.87
N PRO C 342 16.71 37.67 32.11
CA PRO C 342 16.86 37.74 30.65
C PRO C 342 17.33 39.10 30.13
N PHE C 343 17.24 40.13 30.96
CA PHE C 343 17.63 41.47 30.56
C PHE C 343 19.09 41.85 30.81
N THR C 344 19.77 41.15 31.73
CA THR C 344 21.18 41.47 32.10
C THR C 344 22.18 40.31 31.99
N ASP C 345 21.72 39.06 32.08
CA ASP C 345 22.58 37.88 32.11
C ASP C 345 22.70 37.19 30.77
N ALA C 346 22.46 37.88 29.67
CA ALA C 346 22.32 37.10 28.45
C ALA C 346 23.27 37.50 27.37
N SER C 347 24.49 37.83 27.73
CA SER C 347 25.46 38.30 26.74
C SER C 347 25.89 37.19 25.77
N PHE C 348 25.73 35.94 26.16
CA PHE C 348 25.88 34.81 25.21
C PHE C 348 25.00 34.88 23.99
N ALA C 349 23.88 35.59 24.09
CA ALA C 349 22.87 35.54 23.06
C ALA C 349 23.33 35.98 21.68
N GLN C 350 24.15 37.04 21.57
CA GLN C 350 24.65 37.44 20.23
C GLN C 350 25.34 36.29 19.50
N GLY C 351 26.11 35.50 20.24
CA GLY C 351 26.86 34.39 19.71
C GLY C 351 25.96 33.21 19.40
N MET C 352 24.93 33.02 20.21
CA MET C 352 23.93 31.97 19.96
C MET C 352 23.16 32.28 18.71
N LEU C 353 22.86 33.56 18.51
CA LEU C 353 22.08 33.97 17.36
C LEU C 353 22.94 33.82 16.13
N ALA C 354 24.19 34.26 16.22
CA ALA C 354 25.09 34.20 15.07
C ALA C 354 25.27 32.76 14.61
N ASN C 355 25.39 31.84 15.56
CA ASN C 355 25.53 30.40 15.32
C ASN C 355 24.28 29.83 14.66
N ALA C 356 23.17 29.99 15.35
CA ALA C 356 21.92 29.55 14.80
C ALA C 356 21.67 30.14 13.41
N SER C 357 21.95 31.42 13.20
CA SER C 357 21.78 32.02 11.85
C SER C 357 22.66 31.41 10.81
N ALA C 358 23.89 31.14 11.18
CA ALA C 358 24.83 30.54 10.27
C ALA C 358 24.37 29.14 9.89
N GLN C 359 23.90 28.35 10.84
CA GLN C 359 23.45 27.00 10.54
C GLN C 359 22.27 27.02 9.57
N ALA C 360 21.34 27.94 9.82
CA ALA C 360 20.16 28.13 8.97
C ALA C 360 20.57 28.54 7.56
N LYS C 361 21.62 29.35 7.46
CA LYS C 361 22.09 29.85 6.19
C LYS C 361 22.76 28.72 5.40
N MET C 362 23.46 27.83 6.11
CA MET C 362 24.06 26.65 5.46
C MET C 362 22.97 25.79 4.84
N LEU C 363 21.91 25.55 5.60
CA LEU C 363 20.84 24.71 5.13
C LEU C 363 20.16 25.32 3.90
N ASN C 364 19.89 26.62 3.94
CA ASN C 364 19.26 27.25 2.78
C ASN C 364 20.14 27.26 1.52
N LEU C 365 21.41 27.51 1.65
CA LEU C 365 22.28 27.50 0.49
C LEU C 365 22.42 26.10 -0.05
N ALA C 366 22.59 25.12 0.83
CA ALA C 366 22.59 23.74 0.42
C ALA C 366 21.37 23.47 -0.45
N HIS C 367 20.22 23.89 0.02
CA HIS C 367 18.98 23.71 -0.73
C HIS C 367 19.03 24.43 -2.04
N GLN C 368 19.55 25.62 -1.98
CA GLN C 368 19.62 26.44 -3.18
C GLN C 368 20.52 25.80 -4.26
N VAL C 369 21.58 25.13 -3.84
CA VAL C 369 22.50 24.52 -4.75
C VAL C 369 21.76 23.47 -5.57
N GLY C 370 21.05 22.62 -4.86
CA GLY C 370 20.21 21.61 -5.50
C GLY C 370 19.16 22.16 -6.45
N GLN C 371 18.54 23.28 -6.10
CA GLN C 371 17.46 23.81 -6.95
C GLN C 371 17.98 24.44 -8.23
N THR C 372 19.25 24.80 -8.20
CA THR C 372 19.89 25.39 -9.36
C THR C 372 19.99 24.36 -10.52
N ILE C 373 20.29 23.10 -10.18
CA ILE C 373 20.51 22.05 -11.16
C ILE C 373 19.39 21.03 -11.25
N ASN C 374 18.55 20.91 -10.23
CA ASN C 374 17.51 19.89 -10.24
C ASN C 374 16.61 20.01 -11.47
N PRO C 375 16.63 18.99 -12.36
CA PRO C 375 15.79 19.00 -13.58
C PRO C 375 14.26 19.09 -13.41
N ASP C 376 13.76 18.84 -12.22
CA ASP C 376 12.34 18.99 -11.99
C ASP C 376 11.92 20.42 -12.29
N ASN C 377 12.78 21.40 -12.04
CA ASN C 377 12.42 22.81 -12.29
C ASN C 377 13.20 23.41 -13.44
N LEU C 378 13.74 22.60 -14.33
CA LEU C 378 14.45 23.13 -15.48
C LEU C 378 13.61 23.03 -16.70
N THR C 379 13.96 23.82 -17.71
CA THR C 379 13.15 23.88 -18.92
C THR C 379 13.98 23.88 -20.21
N GLY C 380 13.35 23.47 -21.30
CA GLY C 380 13.96 23.54 -22.63
C GLY C 380 15.32 22.90 -22.81
N THR C 381 16.22 23.66 -23.41
CA THR C 381 17.55 23.21 -23.78
C THR C 381 18.36 22.73 -22.59
N PHE C 382 18.22 23.46 -21.51
CA PHE C 382 19.01 23.23 -20.31
C PHE C 382 18.59 21.95 -19.59
N LYS C 383 17.29 21.72 -19.47
CA LYS C 383 16.81 20.47 -18.89
C LYS C 383 17.30 19.28 -19.67
N ASN C 384 17.29 19.40 -20.98
CA ASN C 384 17.68 18.29 -21.81
C ASN C 384 19.16 17.95 -21.58
N PHE C 385 19.98 18.97 -21.41
CA PHE C 385 21.40 18.74 -21.17
C PHE C 385 21.57 17.97 -19.87
N VAL C 386 20.91 18.41 -18.80
CA VAL C 386 21.04 17.75 -17.51
C VAL C 386 20.51 16.32 -17.50
N THR C 387 19.32 16.06 -18.05
CA THR C 387 18.70 14.74 -17.90
C THR C 387 19.29 13.75 -18.89
N GLY C 388 19.67 14.20 -20.09
CA GLY C 388 20.20 13.29 -21.11
C GLY C 388 21.71 13.11 -21.08
N PHE C 389 22.46 14.01 -20.44
CA PHE C 389 23.94 13.92 -20.41
C PHE C 389 24.54 14.07 -19.02
N LEU C 390 24.32 15.21 -18.40
CA LEU C 390 24.97 15.51 -17.12
C LEU C 390 24.67 14.47 -16.07
N ALA C 391 23.40 14.14 -15.91
CA ALA C 391 22.94 13.19 -14.91
C ALA C 391 22.82 11.81 -15.51
N THR C 392 23.92 11.36 -16.08
CA THR C 392 23.95 10.11 -16.81
C THR C 392 25.35 9.56 -16.61
N CYS C 393 25.53 8.25 -16.79
CA CYS C 393 26.85 7.69 -16.98
C CYS C 393 26.82 6.58 -18.01
N ASN C 394 27.76 6.62 -18.96
CA ASN C 394 27.86 5.53 -19.93
C ASN C 394 28.88 4.44 -19.58
N ASN C 395 29.61 4.57 -18.46
CA ASN C 395 30.54 3.51 -18.03
C ASN C 395 29.76 2.20 -17.78
N LYS C 396 30.36 1.06 -18.16
CA LYS C 396 29.98 -0.32 -17.66
C LYS C 396 28.49 -0.76 -17.70
N GLY C 406 27.27 1.18 -10.59
CA GLY C 406 28.18 2.06 -11.31
C GLY C 406 29.65 1.82 -10.96
N SER C 407 30.53 2.38 -11.79
CA SER C 407 31.96 2.49 -11.47
C SER C 407 32.19 3.50 -10.33
N PRO C 408 33.25 3.32 -9.51
CA PRO C 408 33.45 4.24 -8.39
C PRO C 408 33.54 5.69 -8.83
N PRO C 409 33.44 6.64 -7.90
CA PRO C 409 33.60 8.04 -8.37
C PRO C 409 35.04 8.28 -8.80
N GLY C 410 35.23 9.24 -9.70
CA GLY C 410 36.57 9.58 -10.19
C GLY C 410 37.13 8.69 -11.29
N THR C 411 36.36 7.74 -11.82
CA THR C 411 36.92 6.84 -12.82
C THR C 411 36.53 7.20 -14.25
N VAL C 412 37.57 7.22 -15.08
CA VAL C 412 37.49 7.56 -16.47
C VAL C 412 37.64 6.28 -17.29
N THR C 413 36.75 6.07 -18.24
CA THR C 413 36.85 4.92 -19.11
C THR C 413 36.71 5.40 -20.53
N THR C 414 36.89 4.46 -21.46
CA THR C 414 36.72 4.79 -22.88
C THR C 414 35.26 5.09 -23.20
N GLN C 415 34.34 4.81 -22.27
CA GLN C 415 32.92 5.17 -22.45
C GLN C 415 32.43 6.36 -21.62
N THR C 416 33.32 7.05 -20.91
CA THR C 416 32.92 8.20 -20.09
C THR C 416 32.38 9.37 -20.93
N PHE C 417 33.01 9.66 -22.07
CA PHE C 417 32.65 10.84 -22.91
C PHE C 417 31.16 11.01 -23.17
N ALA C 418 30.68 12.25 -23.17
CA ALA C 418 29.27 12.55 -23.45
C ALA C 418 28.32 12.12 -22.34
N SER C 419 28.84 11.87 -21.15
CA SER C 419 28.02 11.52 -19.99
C SER C 419 28.72 12.12 -18.78
N GLY C 420 27.98 12.41 -17.71
CA GLY C 420 28.57 13.12 -16.58
C GLY C 420 29.52 12.24 -15.79
N CYS C 421 29.08 11.02 -15.53
CA CYS C 421 29.85 10.13 -14.69
C CYS C 421 30.37 10.80 -13.40
N ALA C 422 29.50 11.57 -12.76
CA ALA C 422 29.82 12.20 -11.52
C ALA C 422 28.63 12.12 -10.59
N TYR C 423 27.93 11.00 -10.60
CA TYR C 423 26.90 10.72 -9.58
C TYR C 423 25.97 11.94 -9.34
N VAL C 424 25.58 12.62 -10.42
CA VAL C 424 24.67 13.76 -10.27
C VAL C 424 23.22 13.38 -9.86
N GLU C 425 22.56 12.46 -10.57
CA GLU C 425 21.26 12.00 -10.09
C GLU C 425 21.37 11.60 -8.60
N GLN C 426 22.32 10.75 -8.25
CA GLN C 426 22.41 10.20 -6.86
C GLN C 426 22.71 11.28 -5.82
N THR C 427 23.46 12.31 -6.21
CA THR C 427 23.77 13.35 -5.26
C THR C 427 22.56 14.25 -5.04
N ILE C 428 21.79 14.52 -6.08
CA ILE C 428 20.55 15.30 -5.92
C ILE C 428 19.63 14.52 -5.02
N THR C 429 19.51 13.21 -5.25
CA THR C 429 18.75 12.36 -4.34
C THR C 429 19.21 12.37 -2.88
N ASN C 430 20.52 12.35 -2.63
CA ASN C 430 21.02 12.28 -1.28
C ASN C 430 20.93 13.60 -0.58
N LEU C 431 21.09 14.66 -1.33
CA LEU C 431 20.81 15.95 -0.79
C LEU C 431 19.35 16.01 -0.27
N ASN C 432 18.38 15.65 -1.12
CA ASN C 432 16.98 15.62 -0.70
C ASN C 432 16.79 14.73 0.51
N ASN C 433 17.38 13.56 0.48
CA ASN C 433 17.21 12.63 1.58
C ASN C 433 17.74 13.28 2.87
N SER C 434 18.90 13.91 2.79
CA SER C 434 19.51 14.49 3.96
C SER C 434 18.66 15.64 4.52
N ILE C 435 18.08 16.45 3.63
CA ILE C 435 17.23 17.55 4.05
C ILE C 435 15.97 17.03 4.74
N ALA C 436 15.40 15.96 4.20
CA ALA C 436 14.20 15.37 4.74
C ALA C 436 14.48 14.79 6.13
N HIS C 437 15.71 14.36 6.39
CA HIS C 437 16.12 13.83 7.72
C HIS C 437 16.68 14.89 8.62
N PHE C 438 16.58 16.15 8.16
CA PHE C 438 16.95 17.32 8.95
C PHE C 438 15.70 18.10 9.42
N GLY C 439 14.54 17.47 9.39
CA GLY C 439 13.31 18.12 9.75
C GLY C 439 13.31 18.72 11.15
N THR C 440 13.51 17.85 12.12
CA THR C 440 13.70 18.23 13.52
C THR C 440 14.80 19.29 13.75
N GLN C 441 15.99 19.09 13.17
CA GLN C 441 17.11 19.97 13.46
C GLN C 441 16.80 21.35 12.98
N GLU C 442 16.17 21.44 11.82
CA GLU C 442 15.85 22.74 11.25
C GLU C 442 14.97 23.49 12.25
N GLN C 443 14.01 22.78 12.83
CA GLN C 443 13.08 23.42 13.77
C GLN C 443 13.81 23.83 14.99
N GLN C 444 14.74 23.00 15.46
CA GLN C 444 15.54 23.34 16.64
C GLN C 444 16.44 24.55 16.41
N ILE C 445 16.89 24.74 15.17
CA ILE C 445 17.74 25.88 14.83
C ILE C 445 16.92 27.14 14.89
N GLN C 446 15.79 27.12 14.22
CA GLN C 446 14.85 28.22 14.27
C GLN C 446 14.39 28.60 15.68
N GLN C 447 14.10 27.61 16.51
CA GLN C 447 13.75 27.86 17.90
C GLN C 447 14.93 28.49 18.65
N ALA C 448 16.13 27.95 18.43
CA ALA C 448 17.30 28.56 19.02
C ALA C 448 17.48 29.98 18.54
N GLU C 449 17.14 30.23 17.30
CA GLU C 449 17.39 31.53 16.73
C GLU C 449 16.43 32.49 17.39
N ASN C 450 15.22 32.04 17.64
CA ASN C 450 14.19 32.89 18.24
C ASN C 450 14.39 33.19 19.69
N ILE C 451 14.91 32.21 20.42
CA ILE C 451 15.27 32.42 21.79
C ILE C 451 16.39 33.44 21.86
N ALA C 452 17.41 33.27 21.04
CA ALA C 452 18.52 34.17 21.11
C ALA C 452 18.09 35.58 20.77
N ASP C 453 17.34 35.68 19.70
CA ASP C 453 16.82 36.94 19.22
C ASP C 453 16.01 37.64 20.34
N THR C 454 15.16 36.89 21.04
CA THR C 454 14.37 37.46 22.10
C THR C 454 15.31 38.05 23.12
N LEU C 455 16.34 37.30 23.46
CA LEU C 455 17.27 37.73 24.48
C LEU C 455 18.08 38.92 24.01
N VAL C 456 18.56 38.90 22.76
CA VAL C 456 19.25 40.06 22.26
C VAL C 456 18.36 41.31 22.37
N ASN C 457 17.08 41.16 22.13
CA ASN C 457 16.15 42.26 22.19
C ASN C 457 15.94 42.78 23.61
N PHE C 458 15.69 41.88 24.55
CA PHE C 458 15.58 42.27 25.96
C PHE C 458 16.84 42.99 26.44
N GLY C 459 18.02 42.57 25.98
CA GLY C 459 19.26 43.20 26.38
C GLY C 459 19.61 44.58 25.82
N SER C 460 18.65 45.40 25.35
CA SER C 460 18.97 46.76 24.81
C SER C 460 18.47 47.98 25.61
N VAL D 2 2.29 33.02 -3.10
CA VAL D 2 2.75 31.62 -2.82
C VAL D 2 1.95 31.04 -1.61
N GLN D 3 1.82 29.73 -1.52
CA GLN D 3 0.54 29.26 -1.10
C GLN D 3 0.74 27.93 -0.44
N LEU D 4 0.26 27.85 0.79
CA LEU D 4 0.11 26.59 1.47
C LEU D 4 -1.28 26.61 2.13
N GLN D 5 -2.12 25.64 1.81
CA GLN D 5 -3.50 25.59 2.25
C GLN D 5 -3.84 24.18 2.79
N GLU D 6 -3.83 24.05 4.10
CA GLU D 6 -4.13 22.78 4.75
C GLU D 6 -5.65 22.62 4.93
N SER D 7 -6.11 21.38 5.09
CA SER D 7 -7.52 21.08 5.28
C SER D 7 -7.62 19.63 5.75
N GLY D 8 -8.82 19.22 6.16
CA GLY D 8 -9.06 17.83 6.55
C GLY D 8 -9.22 17.54 8.04
N GLY D 9 -8.92 18.52 8.88
CA GLY D 9 -8.84 18.27 10.30
C GLY D 9 -10.19 18.26 10.90
N GLY D 10 -10.29 17.90 12.17
CA GLY D 10 -11.56 17.87 12.85
C GLY D 10 -11.43 17.35 14.24
N LEU D 11 -12.57 17.12 14.88
CA LEU D 11 -12.63 16.49 16.21
C LEU D 11 -12.84 14.99 16.00
N VAL D 12 -12.01 14.14 16.61
CA VAL D 12 -12.14 12.67 16.47
C VAL D 12 -11.85 12.02 17.79
N GLN D 13 -12.27 10.77 17.93
CA GLN D 13 -11.96 9.95 19.11
C GLN D 13 -10.57 9.32 19.12
N PRO D 14 -10.06 9.04 20.34
CA PRO D 14 -8.79 8.29 20.39
C PRO D 14 -9.02 6.90 19.80
N GLY D 15 -8.08 6.45 18.98
CA GLY D 15 -8.30 5.27 18.15
C GLY D 15 -8.68 5.65 16.74
N GLY D 16 -9.09 6.91 16.54
CA GLY D 16 -9.59 7.34 15.25
C GLY D 16 -8.52 7.60 14.20
N SER D 17 -8.97 8.14 13.09
CA SER D 17 -8.19 8.31 11.90
C SER D 17 -8.64 9.55 11.10
N LEU D 18 -7.72 10.26 10.46
CA LEU D 18 -8.06 11.43 9.64
C LEU D 18 -7.13 11.48 8.48
N ARG D 19 -7.59 12.01 7.37
CA ARG D 19 -6.70 12.34 6.28
C ARG D 19 -6.56 13.85 6.09
N LEU D 20 -5.38 14.39 6.32
CA LEU D 20 -5.11 15.78 6.06
C LEU D 20 -4.58 16.01 4.62
N SER D 21 -4.90 17.15 4.03
CA SER D 21 -4.52 17.45 2.67
C SER D 21 -3.86 18.80 2.72
N CYS D 22 -2.99 19.05 1.76
CA CYS D 22 -2.37 20.34 1.61
C CYS D 22 -2.11 20.69 0.16
N ALA D 23 -2.78 21.76 -0.31
CA ALA D 23 -2.54 22.30 -1.64
C ALA D 23 -1.36 23.25 -1.57
N ALA D 24 -0.28 22.95 -2.26
CA ALA D 24 0.89 23.80 -2.28
C ALA D 24 1.02 24.36 -3.65
N SER D 25 1.62 25.52 -3.77
CA SER D 25 1.90 26.06 -5.10
C SER D 25 3.04 25.24 -5.70
N GLY D 26 3.22 25.33 -7.02
CA GLY D 26 4.25 24.59 -7.72
C GLY D 26 5.63 25.12 -7.36
N SER D 27 5.74 26.44 -7.25
CA SER D 27 7.01 27.04 -6.91
C SER D 27 7.56 26.40 -5.64
N ILE D 28 6.69 26.16 -4.66
CA ILE D 28 7.10 25.55 -3.39
C ILE D 28 7.31 24.06 -3.52
N PHE D 29 6.42 23.43 -4.26
CA PHE D 29 6.24 22.01 -4.18
C PHE D 29 7.19 21.27 -5.13
N SER D 30 7.35 21.77 -6.34
CA SER D 30 8.00 21.02 -7.39
C SER D 30 9.48 20.89 -7.10
N GLY D 31 9.98 19.65 -7.19
CA GLY D 31 11.39 19.37 -6.98
C GLY D 31 11.84 19.55 -5.54
N ASN D 32 10.91 19.60 -4.61
CA ASN D 32 11.24 19.90 -3.26
C ASN D 32 10.75 18.85 -2.28
N VAL D 33 11.52 18.68 -1.22
CA VAL D 33 11.13 17.88 -0.08
C VAL D 33 9.98 18.61 0.58
N MET D 34 8.94 17.88 0.91
CA MET D 34 7.78 18.50 1.59
C MET D 34 7.52 17.78 2.89
N GLY D 35 6.88 18.46 3.84
CA GLY D 35 6.62 17.82 5.13
C GLY D 35 5.45 18.37 5.94
N TRP D 36 5.10 17.63 7.00
CA TRP D 36 4.06 18.04 7.94
C TRP D 36 4.62 18.42 9.30
N TYR D 37 4.02 19.47 9.87
CA TYR D 37 4.38 19.98 11.16
C TYR D 37 3.16 20.06 12.03
N ARG D 38 3.34 20.24 13.32
CA ARG D 38 2.21 20.47 14.19
C ARG D 38 2.60 21.33 15.40
N GLN D 39 1.64 22.10 15.87
CA GLN D 39 1.85 23.00 16.98
C GLN D 39 0.74 22.80 18.03
N ALA D 40 1.11 22.16 19.13
CA ALA D 40 0.16 21.79 20.16
C ALA D 40 0.10 22.91 21.21
N PRO D 41 -0.88 22.83 22.13
CA PRO D 41 -1.01 23.87 23.15
C PRO D 41 0.21 23.94 24.03
N GLY D 42 0.74 25.14 24.24
CA GLY D 42 1.90 25.35 25.09
C GLY D 42 3.22 24.98 24.46
N LYS D 43 3.23 24.59 23.20
CA LYS D 43 4.47 24.13 22.62
C LYS D 43 4.78 24.89 21.37
N LEU D 44 6.04 24.90 20.98
CA LEU D 44 6.38 25.46 19.72
C LEU D 44 6.13 24.42 18.66
N ARG D 45 6.23 24.87 17.41
CA ARG D 45 5.98 24.01 16.27
C ARG D 45 7.02 22.87 16.22
N GLU D 46 6.52 21.68 15.96
CA GLU D 46 7.23 20.40 16.02
C GLU D 46 7.22 19.77 14.60
N TRP D 47 8.37 19.23 14.14
CA TRP D 47 8.37 18.48 12.87
C TRP D 47 7.81 17.09 13.07
N VAL D 48 7.03 16.63 12.09
CA VAL D 48 6.29 15.37 12.16
C VAL D 48 6.65 14.35 11.08
N ALA D 49 6.73 14.81 9.85
CA ALA D 49 7.09 13.92 8.74
C ALA D 49 7.55 14.69 7.49
N ALA D 50 8.21 13.95 6.60
CA ALA D 50 8.75 14.50 5.37
C ALA D 50 8.73 13.46 4.27
N ILE D 51 8.90 13.93 3.04
CA ILE D 51 8.83 13.04 1.90
C ILE D 51 9.57 13.72 0.74
N THR D 52 10.48 13.01 0.13
CA THR D 52 11.29 13.59 -0.96
C THR D 52 10.46 13.63 -2.23
N PRO D 53 10.92 14.39 -3.23
CA PRO D 53 10.25 14.36 -4.54
C PRO D 53 10.02 12.95 -5.04
N GLN D 54 10.99 12.06 -4.82
CA GLN D 54 10.85 10.71 -5.33
C GLN D 54 9.97 9.80 -4.53
N GLY D 55 9.39 10.30 -3.46
CA GLY D 55 8.34 9.56 -2.74
C GLY D 55 8.77 8.92 -1.42
N VAL D 56 10.03 9.10 -1.02
CA VAL D 56 10.53 8.47 0.21
C VAL D 56 10.13 9.26 1.44
N PRO D 57 9.35 8.62 2.32
CA PRO D 57 8.88 9.25 3.53
C PRO D 57 9.74 8.97 4.73
N ASN D 58 9.80 9.93 5.66
CA ASN D 58 10.30 9.67 7.02
C ASN D 58 9.52 10.45 8.14
N TYR D 59 9.63 9.94 9.36
CA TYR D 59 8.73 10.30 10.41
C TYR D 59 9.45 10.60 11.72
N ALA D 60 8.81 11.44 12.53
CA ALA D 60 9.26 11.68 13.90
C ALA D 60 8.96 10.46 14.73
N ASP D 61 9.77 10.19 15.73
CA ASP D 61 9.48 9.07 16.64
C ASP D 61 8.05 9.13 17.19
N SER D 62 7.53 10.32 17.48
CA SER D 62 6.20 10.45 18.08
C SER D 62 5.04 9.92 17.26
N VAL D 63 5.26 9.82 15.96
CA VAL D 63 4.23 9.35 15.05
C VAL D 63 4.61 8.13 14.17
N LYS D 64 5.87 7.71 14.21
CA LYS D 64 6.29 6.60 13.39
C LYS D 64 5.37 5.42 13.67
N GLY D 65 4.96 4.72 12.61
CA GLY D 65 4.13 3.54 12.77
C GLY D 65 2.66 3.87 12.67
N ARG D 66 2.28 5.13 12.87
CA ARG D 66 0.88 5.46 12.92
C ARG D 66 0.42 6.40 11.81
N PHE D 67 1.34 7.20 11.27
CA PHE D 67 1.02 8.17 10.26
C PHE D 67 1.72 7.79 8.94
N THR D 68 1.05 8.04 7.81
CA THR D 68 1.68 7.93 6.53
C THR D 68 1.57 9.26 5.83
N ILE D 69 2.68 9.69 5.25
CA ILE D 69 2.73 10.91 4.45
C ILE D 69 2.84 10.47 3.00
N SER D 70 2.18 11.17 2.11
CA SER D 70 2.25 10.85 0.69
C SER D 70 2.13 12.13 -0.12
N ARG D 71 2.40 12.02 -1.42
CA ARG D 71 2.45 13.19 -2.29
C ARG D 71 1.91 12.86 -3.66
N ASP D 72 1.24 13.84 -4.25
CA ASP D 72 0.75 13.69 -5.61
C ASP D 72 1.39 14.72 -6.51
N ASN D 73 2.39 14.30 -7.26
CA ASN D 73 3.17 15.22 -8.04
C ASN D 73 2.42 15.77 -9.23
N ALA D 74 1.36 15.11 -9.68
CA ALA D 74 0.54 15.66 -10.76
C ALA D 74 -0.27 16.94 -10.34
N LYS D 75 -0.61 17.06 -9.06
CA LYS D 75 -1.48 18.13 -8.59
C LYS D 75 -0.92 18.88 -7.37
N ASN D 76 0.39 18.84 -7.15
CA ASN D 76 1.04 19.49 -6.00
C ASN D 76 0.29 19.35 -4.67
N MET D 77 -0.16 18.14 -4.37
CA MET D 77 -0.86 17.85 -3.13
C MET D 77 0.04 17.04 -2.19
N LEU D 78 -0.04 17.36 -0.91
CA LEU D 78 0.56 16.60 0.15
C LEU D 78 -0.52 16.04 1.06
N TYR D 79 -0.32 14.82 1.55
CA TYR D 79 -1.33 14.14 2.32
C TYR D 79 -0.70 13.57 3.58
N LEU D 80 -1.47 13.52 4.65
CA LEU D 80 -1.03 12.86 5.88
C LEU D 80 -2.13 12.03 6.41
N GLN D 81 -1.95 10.72 6.33
CA GLN D 81 -2.92 9.75 6.88
C GLN D 81 -2.53 9.54 8.32
N MET D 82 -3.45 9.82 9.22
CA MET D 82 -3.24 9.67 10.64
C MET D 82 -4.11 8.51 11.11
N SER D 83 -3.51 7.57 11.85
CA SER D 83 -4.22 6.46 12.45
C SER D 83 -3.82 6.28 13.89
N SER D 84 -4.69 5.64 14.66
CA SER D 84 -4.44 5.35 16.08
C SER D 84 -4.17 6.66 16.84
N LEU D 85 -5.08 7.61 16.66
CA LEU D 85 -4.88 8.89 17.25
C LEU D 85 -4.98 8.81 18.76
N LYS D 86 -4.07 9.57 19.39
CA LYS D 86 -4.02 9.83 20.83
C LYS D 86 -4.37 11.30 21.16
N PRO D 87 -4.78 11.58 22.40
CA PRO D 87 -5.00 12.99 22.75
C PRO D 87 -3.78 13.85 22.50
N GLU D 88 -2.60 13.33 22.72
CA GLU D 88 -1.35 14.05 22.44
C GLU D 88 -1.19 14.44 20.96
N ASP D 89 -1.94 13.86 20.05
CA ASP D 89 -1.82 14.34 18.70
C ASP D 89 -2.69 15.60 18.46
N THR D 90 -3.41 16.07 19.49
CA THR D 90 -4.19 17.29 19.36
C THR D 90 -3.29 18.49 19.11
N ALA D 91 -3.49 19.15 17.97
CA ALA D 91 -2.66 20.30 17.57
C ALA D 91 -3.20 20.94 16.33
N LEU D 92 -2.57 22.05 15.95
CA LEU D 92 -2.72 22.59 14.59
C LEU D 92 -1.68 21.95 13.65
N TYR D 93 -2.12 21.40 12.55
CA TYR D 93 -1.19 20.76 11.60
C TYR D 93 -0.91 21.68 10.40
N TYR D 94 0.36 21.79 9.97
CA TYR D 94 0.82 22.67 8.87
C TYR D 94 1.75 21.92 7.88
N CYS D 95 1.64 22.13 6.55
CA CYS D 95 2.59 21.61 5.54
C CYS D 95 3.50 22.76 5.23
N ASN D 96 4.72 22.43 4.81
CA ASN D 96 5.67 23.39 4.28
C ASN D 96 6.70 22.58 3.48
N ARG D 97 7.56 23.26 2.73
CA ARG D 97 8.65 22.56 2.13
C ARG D 97 9.73 22.51 3.14
N LEU D 98 10.69 21.63 2.85
CA LEU D 98 11.92 21.56 3.64
C LEU D 98 13.11 21.88 2.75
N PRO D 99 13.93 22.86 3.15
CA PRO D 99 13.80 23.75 4.29
C PRO D 99 12.62 24.74 4.12
N ASN D 100 12.16 25.36 5.20
CA ASN D 100 10.84 25.99 5.21
C ASN D 100 10.74 27.26 4.41
N TYR D 101 9.63 27.46 3.70
CA TYR D 101 9.31 28.77 3.12
C TYR D 101 8.89 29.64 4.30
N ARG D 102 9.27 30.89 4.33
CA ARG D 102 9.03 31.72 5.51
C ARG D 102 7.58 32.11 5.84
N SER D 103 6.61 31.81 4.98
CA SER D 103 5.21 32.17 5.25
C SER D 103 4.40 30.93 5.38
N TRP D 104 3.77 30.74 6.53
CA TRP D 104 3.04 29.53 6.80
C TRP D 104 1.59 29.71 6.44
N GLY D 105 0.93 28.65 6.01
CA GLY D 105 -0.52 28.69 5.88
C GLY D 105 -1.24 28.70 7.21
N GLN D 106 -2.58 28.70 7.16
CA GLN D 106 -3.44 28.77 8.34
C GLN D 106 -3.42 27.52 9.22
N GLY D 107 -2.96 26.39 8.68
CA GLY D 107 -3.05 25.10 9.36
C GLY D 107 -4.48 24.56 9.49
N THR D 108 -4.61 23.31 9.91
CA THR D 108 -5.91 22.67 10.14
C THR D 108 -5.91 22.04 11.52
N GLN D 109 -6.93 22.34 12.29
CA GLN D 109 -7.03 21.89 13.68
C GLN D 109 -7.40 20.41 13.76
N VAL D 110 -6.59 19.67 14.50
CA VAL D 110 -6.98 18.34 14.87
C VAL D 110 -7.20 18.29 16.36
N THR D 111 -8.35 17.77 16.78
CA THR D 111 -8.65 17.57 18.19
C THR D 111 -9.01 16.10 18.44
N VAL D 112 -8.22 15.45 19.28
CA VAL D 112 -8.44 14.07 19.61
C VAL D 112 -8.87 14.04 21.04
N SER D 113 -10.07 13.51 21.29
CA SER D 113 -10.69 13.65 22.60
C SER D 113 -11.84 12.66 22.72
N SER D 114 -11.94 11.92 23.82
CA SER D 114 -12.97 10.86 23.83
C SER D 114 -14.38 11.34 24.25
N HIS D 115 -15.37 10.49 23.90
CA HIS D 115 -16.82 10.80 23.94
C HIS D 115 -17.48 10.81 25.35
#